data_8GQY
#
_entry.id   8GQY
#
_cell.length_a   1.00
_cell.length_b   1.00
_cell.length_c   1.00
_cell.angle_alpha   90.00
_cell.angle_beta   90.00
_cell.angle_gamma   90.00
#
_symmetry.space_group_name_H-M   'P 1'
#
_entity_poly.entity_id   1
_entity_poly.type   'polypeptide(L)'
_entity_poly.pdbx_seq_one_letter_code
;MNHKVHMDVGTIIGIIAAFLLILISILIGGSITAFINVPSIFIVVGGGMAAAMGAFPLKDFIRGVLAIKKAFLWKPPDLN
DVIETIGEIASKVRKEGILALEGDIELYYQKDPLLGDMIRMLVDGIDINDIKATAEMALAQLDEKMSTEVAVWEKLADLF
PAFGMIGTLIGLIQMLRNLNDPSALGPGMAVALITTLYGAILANAFAIPVANKLKKAKDMEVLVKTIYIEAIEKIQKGEN
PNVVKQEAAIMLGVELPEEVHHHHHH
;
_entity_poly.pdbx_strand_id   A,B,C,D,E
#
# COMPACT_ATOMS: atom_id res chain seq x y z
N VAL A 5 -26.73 -3.36 -26.72
CA VAL A 5 -25.58 -2.72 -26.10
C VAL A 5 -24.65 -2.18 -27.18
N HIS A 6 -23.67 -1.38 -26.77
CA HIS A 6 -22.70 -0.82 -27.70
C HIS A 6 -21.28 -1.04 -27.17
N MET A 7 -20.30 -0.38 -27.78
CA MET A 7 -18.91 -0.58 -27.45
C MET A 7 -18.34 0.69 -26.85
N ASP A 8 -17.54 0.55 -25.80
CA ASP A 8 -16.94 1.70 -25.13
C ASP A 8 -15.78 2.22 -25.97
N VAL A 9 -15.92 3.44 -26.48
CA VAL A 9 -14.95 4.03 -27.39
C VAL A 9 -13.98 4.90 -26.60
N GLY A 10 -13.95 4.72 -25.28
CA GLY A 10 -13.09 5.53 -24.45
C GLY A 10 -11.61 5.22 -24.60
N THR A 11 -11.28 3.97 -24.92
CA THR A 11 -9.87 3.57 -24.94
C THR A 11 -9.25 3.70 -26.33
N ILE A 12 -10.03 3.59 -27.39
CA ILE A 12 -9.48 3.81 -28.72
C ILE A 12 -9.11 5.28 -28.90
N ILE A 13 -10.08 6.17 -28.68
CA ILE A 13 -9.79 7.60 -28.78
C ILE A 13 -8.81 8.04 -27.69
N GLY A 14 -8.59 7.20 -26.68
CA GLY A 14 -7.68 7.58 -25.62
C GLY A 14 -6.23 7.28 -25.95
N ILE A 15 -5.99 6.28 -26.79
CA ILE A 15 -4.63 5.92 -27.18
C ILE A 15 -4.31 6.40 -28.59
N ILE A 16 -5.31 6.45 -29.48
CA ILE A 16 -5.07 7.01 -30.81
C ILE A 16 -4.77 8.50 -30.69
N ALA A 17 -5.54 9.23 -29.90
CA ALA A 17 -5.29 10.65 -29.70
C ALA A 17 -4.19 10.92 -28.70
N ALA A 18 -3.57 9.89 -28.15
CA ALA A 18 -2.35 10.08 -27.36
C ALA A 18 -1.11 9.79 -28.19
N PHE A 19 -1.23 8.92 -29.19
CA PHE A 19 -0.16 8.71 -30.15
C PHE A 19 -0.25 9.69 -31.31
N LEU A 20 -1.31 10.48 -31.39
CA LEU A 20 -1.43 11.47 -32.46
C LEU A 20 -0.98 12.84 -32.03
N LEU A 21 -0.88 13.10 -30.73
CA LEU A 21 -0.24 14.32 -30.24
C LEU A 21 1.25 14.12 -29.97
N ILE A 22 1.67 12.88 -29.75
CA ILE A 22 3.09 12.58 -29.70
C ILE A 22 3.67 12.56 -31.11
N LEU A 23 2.82 12.29 -32.11
CA LEU A 23 3.26 12.29 -33.50
C LEU A 23 3.11 13.64 -34.17
N ILE A 24 2.27 14.52 -33.63
CA ILE A 24 2.19 15.88 -34.18
C ILE A 24 3.24 16.78 -33.54
N SER A 25 3.54 16.55 -32.26
CA SER A 25 4.59 17.33 -31.61
C SER A 25 5.97 17.02 -32.17
N ILE A 26 6.12 15.90 -32.88
CA ILE A 26 7.36 15.64 -33.59
C ILE A 26 7.37 16.36 -34.93
N LEU A 27 6.23 16.32 -35.64
CA LEU A 27 6.14 16.97 -36.94
C LEU A 27 6.14 18.48 -36.82
N ILE A 28 5.74 19.01 -35.67
CA ILE A 28 5.74 20.46 -35.47
C ILE A 28 7.16 20.99 -35.46
N GLY A 29 8.11 20.20 -34.98
CA GLY A 29 9.49 20.61 -34.93
C GLY A 29 10.30 20.08 -36.09
N GLY A 30 11.02 18.98 -35.88
CA GLY A 30 11.80 18.38 -36.94
C GLY A 30 10.95 17.47 -37.82
N SER A 31 11.43 16.27 -38.08
CA SER A 31 10.70 15.29 -38.87
C SER A 31 10.60 13.99 -38.09
N ILE A 32 9.94 13.00 -38.71
CA ILE A 32 9.69 11.72 -38.08
C ILE A 32 10.73 10.68 -38.51
N THR A 33 11.83 11.12 -39.13
CA THR A 33 12.92 10.22 -39.46
C THR A 33 14.03 10.25 -38.42
N ALA A 34 14.05 11.27 -37.57
CA ALA A 34 15.03 11.31 -36.49
C ALA A 34 14.64 10.40 -35.33
N PHE A 35 13.34 10.23 -35.09
CA PHE A 35 12.85 9.48 -33.95
C PHE A 35 12.65 8.01 -34.24
N ILE A 36 12.93 7.55 -35.46
CA ILE A 36 12.88 6.12 -35.76
C ILE A 36 14.28 5.54 -35.63
N ASN A 37 14.49 4.72 -34.60
CA ASN A 37 15.79 4.12 -34.33
C ASN A 37 15.57 2.63 -34.10
N VAL A 38 15.64 1.84 -35.17
CA VAL A 38 15.24 0.44 -35.18
C VAL A 38 16.04 -0.41 -34.19
N PRO A 39 17.37 -0.28 -34.07
CA PRO A 39 18.08 -1.10 -33.08
C PRO A 39 17.82 -0.67 -31.64
N SER A 40 16.89 0.26 -31.45
CA SER A 40 16.44 0.66 -30.13
C SER A 40 14.93 0.51 -29.96
N ILE A 41 14.25 -0.10 -30.92
CA ILE A 41 12.87 -0.53 -30.71
C ILE A 41 12.84 -1.92 -30.08
N PHE A 42 13.84 -2.75 -30.36
CA PHE A 42 13.88 -4.11 -29.82
C PHE A 42 14.27 -4.15 -28.36
N ILE A 43 15.05 -3.19 -27.87
CA ILE A 43 15.48 -3.23 -26.48
C ILE A 43 14.36 -2.74 -25.54
N VAL A 44 13.38 -2.01 -26.05
CA VAL A 44 12.29 -1.53 -25.21
C VAL A 44 11.01 -2.31 -25.48
N VAL A 45 10.68 -2.57 -26.74
CA VAL A 45 9.48 -3.33 -27.06
C VAL A 45 9.75 -4.82 -26.99
N GLY A 46 10.81 -5.28 -27.68
CA GLY A 46 11.12 -6.69 -27.68
C GLY A 46 11.78 -7.15 -26.39
N GLY A 47 12.42 -6.24 -25.68
CA GLY A 47 13.03 -6.57 -24.41
C GLY A 47 12.06 -6.47 -23.25
N GLY A 48 11.27 -5.40 -23.22
CA GLY A 48 10.30 -5.22 -22.15
C GLY A 48 9.19 -6.25 -22.17
N MET A 49 8.98 -6.89 -23.32
CA MET A 49 8.02 -8.00 -23.40
C MET A 49 8.64 -9.31 -22.96
N ALA A 50 9.89 -9.58 -23.33
CA ALA A 50 10.53 -10.84 -22.99
C ALA A 50 10.94 -10.88 -21.53
N ALA A 51 11.40 -9.76 -20.98
CA ALA A 51 11.74 -9.71 -19.56
C ALA A 51 10.48 -9.77 -18.70
N ALA A 52 9.34 -9.36 -19.26
CA ALA A 52 8.06 -9.50 -18.60
C ALA A 52 7.35 -10.79 -18.95
N MET A 53 7.94 -11.60 -19.83
CA MET A 53 7.45 -12.96 -20.04
C MET A 53 7.91 -13.87 -18.92
N GLY A 54 9.10 -13.61 -18.38
CA GLY A 54 9.63 -14.39 -17.28
C GLY A 54 9.07 -14.03 -15.93
N ALA A 55 8.37 -12.91 -15.82
CA ALA A 55 7.76 -12.54 -14.56
C ALA A 55 6.47 -13.31 -14.29
N PHE A 56 5.93 -14.01 -15.27
CA PHE A 56 4.70 -14.76 -15.15
C PHE A 56 4.88 -16.12 -15.79
N PRO A 57 4.07 -17.10 -15.42
CA PRO A 57 4.03 -18.35 -16.18
C PRO A 57 3.66 -18.10 -17.62
N LEU A 58 3.81 -19.14 -18.45
CA LEU A 58 3.56 -18.96 -19.87
C LEU A 58 2.07 -18.73 -20.14
N LYS A 59 1.19 -19.32 -19.34
CA LYS A 59 -0.24 -19.18 -19.59
C LYS A 59 -0.82 -17.86 -19.09
N ASP A 60 -0.19 -17.22 -18.11
CA ASP A 60 -0.68 -15.96 -17.58
C ASP A 60 -0.11 -14.74 -18.31
N PHE A 61 0.92 -14.94 -19.13
CA PHE A 61 1.42 -13.89 -20.01
C PHE A 61 0.78 -13.93 -21.39
N ILE A 62 0.39 -15.12 -21.87
CA ILE A 62 -0.32 -15.20 -23.13
C ILE A 62 -1.71 -14.61 -23.00
N ARG A 63 -2.35 -14.77 -21.84
CA ARG A 63 -3.63 -14.11 -21.61
C ARG A 63 -3.45 -12.61 -21.43
N GLY A 64 -2.53 -12.20 -20.55
CA GLY A 64 -2.39 -10.80 -20.22
C GLY A 64 -1.96 -9.93 -21.39
N VAL A 65 -1.28 -10.52 -22.38
CA VAL A 65 -0.88 -9.75 -23.55
C VAL A 65 -1.97 -9.77 -24.60
N LEU A 66 -2.68 -10.89 -24.73
CA LEU A 66 -3.84 -10.94 -25.60
C LEU A 66 -5.09 -10.37 -24.94
N ALA A 67 -4.95 -9.69 -23.80
CA ALA A 67 -6.07 -9.09 -23.11
C ALA A 67 -6.21 -7.61 -23.41
N ILE A 68 -5.54 -7.10 -24.44
CA ILE A 68 -5.86 -5.76 -24.91
C ILE A 68 -7.24 -5.73 -25.56
N LYS A 69 -7.63 -6.81 -26.23
CA LYS A 69 -8.94 -6.87 -26.87
C LYS A 69 -10.08 -6.68 -25.88
N LYS A 70 -9.81 -6.77 -24.57
CA LYS A 70 -10.80 -6.39 -23.57
C LYS A 70 -10.66 -4.95 -23.12
N ALA A 71 -9.60 -4.26 -23.55
CA ALA A 71 -9.52 -2.83 -23.32
C ALA A 71 -10.14 -2.06 -24.47
N PHE A 72 -9.67 -2.31 -25.69
CA PHE A 72 -10.11 -1.51 -26.82
C PHE A 72 -11.59 -1.71 -27.13
N LEU A 73 -11.97 -2.93 -27.48
CA LEU A 73 -13.36 -3.24 -27.78
C LEU A 73 -13.99 -3.93 -26.57
N TRP A 74 -14.29 -3.12 -25.56
CA TRP A 74 -15.01 -3.58 -24.39
C TRP A 74 -16.43 -3.00 -24.41
N LYS A 75 -17.40 -3.82 -24.03
CA LYS A 75 -18.79 -3.40 -24.01
C LYS A 75 -19.32 -3.52 -22.59
N PRO A 76 -19.60 -2.39 -21.92
CA PRO A 76 -19.99 -2.46 -20.52
C PRO A 76 -21.26 -3.27 -20.35
N PRO A 77 -21.41 -3.95 -19.21
CA PRO A 77 -22.62 -4.75 -19.00
C PRO A 77 -23.85 -3.87 -18.90
N ASP A 78 -24.89 -4.22 -19.66
CA ASP A 78 -26.15 -3.49 -19.61
C ASP A 78 -26.79 -3.74 -18.26
N LEU A 79 -26.69 -2.75 -17.36
CA LEU A 79 -27.22 -2.92 -16.01
C LEU A 79 -28.73 -3.00 -15.98
N ASN A 80 -29.43 -2.41 -16.94
CA ASN A 80 -30.88 -2.56 -17.01
C ASN A 80 -31.30 -3.94 -17.49
N ASP A 81 -30.35 -4.79 -17.87
CA ASP A 81 -30.60 -6.19 -18.16
C ASP A 81 -30.06 -7.13 -17.09
N VAL A 82 -29.10 -6.69 -16.28
CA VAL A 82 -28.70 -7.46 -15.12
C VAL A 82 -29.86 -7.56 -14.14
N ILE A 83 -30.66 -6.50 -14.03
CA ILE A 83 -31.82 -6.52 -13.15
C ILE A 83 -32.93 -7.35 -13.77
N GLU A 84 -33.18 -7.17 -15.06
CA GLU A 84 -34.25 -7.88 -15.73
C GLU A 84 -34.06 -9.39 -15.76
N THR A 85 -32.81 -9.87 -15.79
CA THR A 85 -32.58 -11.31 -15.77
C THR A 85 -32.64 -11.86 -14.35
N ILE A 86 -32.67 -10.98 -13.35
CA ILE A 86 -32.88 -11.44 -11.98
C ILE A 86 -34.37 -11.61 -11.71
N GLY A 87 -35.18 -10.63 -12.12
CA GLY A 87 -36.62 -10.80 -12.04
C GLY A 87 -37.18 -11.81 -13.02
N GLU A 88 -36.36 -12.27 -13.97
CA GLU A 88 -36.78 -13.36 -14.84
C GLU A 88 -36.51 -14.71 -14.21
N ILE A 89 -35.42 -14.83 -13.45
CA ILE A 89 -35.20 -16.04 -12.66
C ILE A 89 -36.14 -16.08 -11.47
N ALA A 90 -36.36 -14.93 -10.83
CA ALA A 90 -37.17 -14.88 -9.61
C ALA A 90 -38.60 -15.34 -9.87
N SER A 91 -39.25 -14.78 -10.89
CA SER A 91 -40.60 -15.22 -11.22
C SER A 91 -40.64 -16.68 -11.67
N LYS A 92 -39.62 -17.13 -12.39
CA LYS A 92 -39.55 -18.52 -12.81
C LYS A 92 -39.50 -19.47 -11.62
N VAL A 93 -38.86 -19.07 -10.53
CA VAL A 93 -38.76 -19.95 -9.36
C VAL A 93 -40.08 -19.97 -8.59
N ARG A 94 -40.85 -18.88 -8.65
CA ARG A 94 -42.14 -18.88 -7.96
C ARG A 94 -43.24 -19.49 -8.82
N LYS A 95 -43.15 -19.35 -10.13
CA LYS A 95 -44.18 -19.91 -11.01
C LYS A 95 -44.09 -21.42 -11.10
N GLU A 96 -42.97 -21.94 -11.59
CA GLU A 96 -42.80 -23.37 -11.84
C GLU A 96 -41.83 -24.03 -10.86
N GLY A 97 -41.55 -23.40 -9.73
CA GLY A 97 -40.67 -24.02 -8.76
C GLY A 97 -39.21 -23.85 -9.13
N ILE A 98 -38.35 -24.41 -8.28
CA ILE A 98 -36.91 -24.28 -8.45
C ILE A 98 -36.34 -25.48 -9.22
N LEU A 99 -37.01 -26.63 -9.16
CA LEU A 99 -36.53 -27.79 -9.90
C LEU A 99 -36.78 -27.68 -11.40
N ALA A 100 -37.49 -26.65 -11.85
CA ALA A 100 -37.77 -26.42 -13.26
C ALA A 100 -36.89 -25.31 -13.84
N LEU A 101 -35.67 -25.17 -13.32
CA LEU A 101 -34.66 -24.29 -13.89
C LEU A 101 -33.58 -25.06 -14.62
N GLU A 102 -33.75 -26.36 -14.85
CA GLU A 102 -32.70 -27.16 -15.48
C GLU A 102 -32.73 -27.05 -17.00
N GLY A 103 -33.91 -26.97 -17.60
CA GLY A 103 -33.98 -26.77 -19.04
C GLY A 103 -33.59 -25.40 -19.50
N ASP A 104 -33.23 -24.50 -18.58
CA ASP A 104 -32.84 -23.14 -18.91
C ASP A 104 -31.44 -22.80 -18.43
N ILE A 105 -30.64 -23.82 -18.08
CA ILE A 105 -29.27 -23.56 -17.64
C ILE A 105 -28.47 -22.91 -18.76
N GLU A 106 -28.55 -23.47 -19.97
CA GLU A 106 -27.77 -22.94 -21.08
C GLU A 106 -28.18 -21.53 -21.47
N LEU A 107 -29.42 -21.13 -21.15
CA LEU A 107 -29.83 -19.77 -21.43
C LEU A 107 -29.13 -18.78 -20.52
N TYR A 108 -28.99 -19.13 -19.24
CA TYR A 108 -28.24 -18.29 -18.30
C TYR A 108 -26.74 -18.59 -18.32
N TYR A 109 -26.34 -19.69 -18.94
CA TYR A 109 -24.91 -19.94 -19.15
C TYR A 109 -24.34 -19.05 -20.24
N GLN A 110 -25.19 -18.42 -21.06
CA GLN A 110 -24.73 -17.43 -22.01
C GLN A 110 -24.69 -16.03 -21.43
N LYS A 111 -25.44 -15.79 -20.35
CA LYS A 111 -25.39 -14.49 -19.67
C LYS A 111 -24.02 -14.28 -19.04
N ASP A 112 -23.55 -15.24 -18.24
CA ASP A 112 -22.22 -15.24 -17.68
C ASP A 112 -21.94 -16.64 -17.14
N PRO A 113 -20.68 -17.08 -17.17
CA PRO A 113 -20.37 -18.45 -16.76
C PRO A 113 -20.59 -18.73 -15.28
N LEU A 114 -20.88 -17.72 -14.47
CA LEU A 114 -21.06 -17.94 -13.04
C LEU A 114 -22.52 -18.11 -12.65
N LEU A 115 -23.42 -17.41 -13.32
CA LEU A 115 -24.85 -17.65 -13.09
C LEU A 115 -25.26 -19.01 -13.64
N GLY A 116 -24.51 -19.54 -14.61
CA GLY A 116 -24.90 -20.79 -15.23
C GLY A 116 -24.62 -22.00 -14.38
N ASP A 117 -23.51 -22.00 -13.65
CA ASP A 117 -23.17 -23.09 -12.75
C ASP A 117 -23.57 -22.81 -11.31
N MET A 118 -24.12 -21.62 -11.04
CA MET A 118 -24.76 -21.34 -9.76
C MET A 118 -26.22 -21.73 -9.76
N ILE A 119 -26.85 -21.83 -10.92
CA ILE A 119 -28.18 -22.42 -11.01
C ILE A 119 -28.09 -23.93 -11.15
N ARG A 120 -27.04 -24.44 -11.80
CA ARG A 120 -26.81 -25.87 -11.84
C ARG A 120 -26.64 -26.43 -10.44
N MET A 121 -25.95 -25.71 -9.57
CA MET A 121 -25.86 -26.12 -8.17
C MET A 121 -27.19 -25.91 -7.46
N LEU A 122 -28.03 -25.00 -7.97
CA LEU A 122 -29.32 -24.76 -7.36
C LEU A 122 -30.30 -25.88 -7.68
N VAL A 123 -30.24 -26.40 -8.91
CA VAL A 123 -31.07 -27.55 -9.29
C VAL A 123 -30.57 -28.85 -8.69
N ASP A 124 -29.27 -29.00 -8.48
CA ASP A 124 -28.73 -30.23 -7.93
C ASP A 124 -29.13 -30.45 -6.49
N GLY A 125 -29.52 -29.41 -5.78
CA GLY A 125 -30.01 -29.52 -4.42
C GLY A 125 -29.04 -29.11 -3.32
N ILE A 126 -28.12 -28.21 -3.60
CA ILE A 126 -27.14 -27.77 -2.61
C ILE A 126 -27.70 -26.54 -1.91
N ASP A 127 -27.61 -26.53 -0.58
CA ASP A 127 -28.15 -25.42 0.19
C ASP A 127 -27.36 -24.15 -0.08
N ILE A 128 -28.04 -23.01 0.06
CA ILE A 128 -27.44 -21.72 -0.30
C ILE A 128 -26.15 -21.47 0.48
N ASN A 129 -26.09 -21.92 1.73
CA ASN A 129 -24.88 -21.69 2.52
C ASN A 129 -23.67 -22.39 1.92
N ASP A 130 -23.90 -23.34 1.02
CA ASP A 130 -22.82 -23.97 0.25
C ASP A 130 -22.80 -23.53 -1.20
N ILE A 131 -23.73 -22.67 -1.60
CA ILE A 131 -23.70 -22.05 -2.92
C ILE A 131 -23.23 -20.60 -2.87
N LYS A 132 -23.70 -19.81 -1.92
CA LYS A 132 -23.21 -18.47 -1.70
C LYS A 132 -21.80 -18.46 -1.11
N ALA A 133 -21.30 -19.61 -0.67
CA ALA A 133 -19.95 -19.71 -0.15
C ALA A 133 -18.99 -20.45 -1.08
N THR A 134 -19.48 -21.18 -2.07
CA THR A 134 -18.64 -21.76 -3.10
C THR A 134 -18.53 -20.86 -4.33
N ALA A 135 -19.63 -20.21 -4.72
CA ALA A 135 -19.60 -19.26 -5.82
C ALA A 135 -19.05 -17.91 -5.42
N GLU A 136 -18.90 -17.63 -4.13
CA GLU A 136 -18.17 -16.44 -3.71
C GLU A 136 -16.68 -16.69 -3.66
N MET A 137 -16.27 -17.93 -3.41
CA MET A 137 -14.86 -18.29 -3.51
C MET A 137 -14.47 -18.69 -4.92
N ALA A 138 -15.44 -18.88 -5.81
CA ALA A 138 -15.15 -19.05 -7.23
C ALA A 138 -15.03 -17.73 -7.95
N LEU A 139 -15.84 -16.73 -7.56
CA LEU A 139 -15.74 -15.40 -8.15
C LEU A 139 -14.48 -14.68 -7.69
N ALA A 140 -14.10 -14.83 -6.42
CA ALA A 140 -12.88 -14.20 -5.94
C ALA A 140 -11.65 -14.81 -6.60
N GLN A 141 -11.79 -16.00 -7.18
CA GLN A 141 -10.69 -16.62 -7.91
C GLN A 141 -10.99 -16.68 -9.40
N LEU A 142 -12.08 -16.04 -9.84
CA LEU A 142 -12.26 -15.73 -11.25
C LEU A 142 -11.69 -14.36 -11.59
N ASP A 143 -11.74 -13.42 -10.65
CA ASP A 143 -11.10 -12.12 -10.83
C ASP A 143 -9.60 -12.17 -10.57
N GLU A 144 -9.12 -13.17 -9.83
CA GLU A 144 -7.69 -13.39 -9.74
C GLU A 144 -7.11 -13.89 -11.05
N LYS A 145 -7.95 -14.31 -11.98
CA LYS A 145 -7.54 -14.51 -13.36
C LYS A 145 -7.67 -13.24 -14.18
N MET A 146 -8.42 -12.25 -13.68
CA MET A 146 -8.47 -10.94 -14.29
C MET A 146 -7.45 -9.98 -13.71
N SER A 147 -7.02 -10.21 -12.46
CA SER A 147 -5.92 -9.44 -11.88
C SER A 147 -4.57 -9.92 -12.37
N THR A 148 -4.51 -11.02 -13.11
CA THR A 148 -3.30 -11.46 -13.78
C THR A 148 -3.24 -10.99 -15.23
N GLU A 149 -4.37 -10.56 -15.79
CA GLU A 149 -4.36 -9.84 -17.06
C GLU A 149 -3.95 -8.38 -16.89
N VAL A 150 -4.06 -7.86 -15.67
CA VAL A 150 -3.63 -6.50 -15.40
C VAL A 150 -2.18 -6.49 -14.96
N ALA A 151 -1.80 -7.40 -14.06
CA ALA A 151 -0.44 -7.43 -13.53
C ALA A 151 0.61 -7.60 -14.64
N VAL A 152 0.22 -8.10 -15.81
CA VAL A 152 1.11 -8.04 -16.96
C VAL A 152 1.25 -6.60 -17.41
N TRP A 153 0.14 -5.91 -17.63
CA TRP A 153 0.17 -4.53 -18.12
C TRP A 153 0.58 -3.53 -17.05
N GLU A 154 0.59 -3.94 -15.77
CA GLU A 154 1.24 -3.14 -14.75
C GLU A 154 2.72 -3.48 -14.62
N LYS A 155 3.17 -4.55 -15.27
CA LYS A 155 4.59 -4.88 -15.34
C LYS A 155 5.23 -4.32 -16.59
N LEU A 156 4.51 -4.32 -17.72
CA LEU A 156 5.00 -3.65 -18.91
C LEU A 156 5.05 -2.14 -18.71
N ALA A 157 4.19 -1.61 -17.84
CA ALA A 157 4.30 -0.22 -17.45
C ALA A 157 5.52 0.05 -16.58
N ASP A 158 6.12 -1.01 -16.00
CA ASP A 158 7.28 -0.83 -15.15
C ASP A 158 8.55 -1.31 -15.85
N LEU A 159 8.42 -2.18 -16.85
CA LEU A 159 9.58 -2.74 -17.55
C LEU A 159 9.88 -2.05 -18.86
N PHE A 160 8.88 -1.51 -19.55
CA PHE A 160 9.16 -0.68 -20.72
C PHE A 160 10.01 0.54 -20.40
N PRO A 161 9.69 1.38 -19.42
CA PRO A 161 10.55 2.53 -19.13
C PRO A 161 11.84 2.16 -18.43
N ALA A 162 11.87 1.03 -17.73
CA ALA A 162 13.08 0.58 -17.06
C ALA A 162 13.99 -0.21 -17.98
N PHE A 163 13.50 -0.56 -19.18
CA PHE A 163 14.37 -1.10 -20.22
C PHE A 163 14.84 -0.03 -21.20
N GLY A 164 14.32 1.19 -21.09
CA GLY A 164 14.92 2.31 -21.79
C GLY A 164 16.12 2.87 -21.06
N MET A 165 16.06 2.91 -19.73
CA MET A 165 17.24 3.26 -18.95
C MET A 165 18.33 2.20 -19.08
N ILE A 166 17.99 1.04 -19.64
CA ILE A 166 19.02 0.07 -20.01
C ILE A 166 19.50 0.33 -21.43
N GLY A 167 18.58 0.49 -22.37
CA GLY A 167 18.95 0.78 -23.73
C GLY A 167 19.63 2.12 -23.91
N THR A 168 19.53 3.00 -22.92
CA THR A 168 20.29 4.25 -22.95
C THR A 168 21.73 4.02 -22.50
N LEU A 169 21.91 3.54 -21.27
CA LEU A 169 23.25 3.30 -20.75
C LEU A 169 24.04 2.31 -21.60
N ILE A 170 23.36 1.46 -22.38
CA ILE A 170 24.07 0.61 -23.32
C ILE A 170 24.50 1.41 -24.53
N GLY A 171 23.67 2.35 -24.96
CA GLY A 171 23.98 3.22 -26.07
C GLY A 171 24.61 4.53 -25.68
N LEU A 172 24.81 4.76 -24.38
CA LEU A 172 25.51 5.92 -23.88
C LEU A 172 26.95 5.61 -23.46
N ILE A 173 27.20 4.42 -22.95
CA ILE A 173 28.57 4.02 -22.61
C ILE A 173 29.39 3.80 -23.85
N GLN A 174 28.77 3.30 -24.92
CA GLN A 174 29.48 3.13 -26.18
C GLN A 174 29.95 4.44 -26.78
N MET A 175 29.21 5.53 -26.55
CA MET A 175 29.63 6.82 -27.08
C MET A 175 30.76 7.43 -26.27
N LEU A 176 30.69 7.33 -24.94
CA LEU A 176 31.75 7.87 -24.09
C LEU A 176 33.04 7.09 -24.22
N ARG A 177 32.97 5.82 -24.59
CA ARG A 177 34.17 5.01 -24.75
C ARG A 177 35.09 5.58 -25.82
N ASN A 178 34.52 6.06 -26.92
CA ASN A 178 35.33 6.60 -28.00
C ASN A 178 35.48 8.11 -27.90
N LEU A 179 34.37 8.83 -28.03
CA LEU A 179 34.27 10.28 -27.83
C LEU A 179 35.28 11.09 -28.65
N ASN A 180 36.01 10.46 -29.56
CA ASN A 180 37.09 11.15 -30.25
C ASN A 180 36.54 12.19 -31.23
N ASP A 181 35.53 11.80 -32.00
CA ASP A 181 34.86 12.75 -32.89
C ASP A 181 34.03 13.73 -32.07
N PRO A 182 34.32 15.03 -32.14
CA PRO A 182 33.49 15.99 -31.38
C PRO A 182 32.06 16.08 -31.88
N SER A 183 31.78 15.68 -33.12
CA SER A 183 30.43 15.65 -33.64
C SER A 183 29.72 14.34 -33.35
N ALA A 184 30.25 13.53 -32.44
CA ALA A 184 29.60 12.31 -31.97
C ALA A 184 28.98 12.48 -30.60
N LEU A 185 29.09 13.66 -29.99
CA LEU A 185 28.45 13.92 -28.71
C LEU A 185 27.02 14.43 -28.89
N GLY A 186 26.75 15.16 -29.97
CA GLY A 186 25.42 15.62 -30.26
C GLY A 186 24.52 14.48 -30.69
N PRO A 187 24.74 13.94 -31.88
CA PRO A 187 23.91 12.82 -32.35
C PRO A 187 24.07 11.57 -31.50
N GLY A 188 25.20 11.37 -30.85
CA GLY A 188 25.36 10.20 -30.00
C GLY A 188 24.52 10.27 -28.74
N MET A 189 24.16 11.47 -28.31
CA MET A 189 23.30 11.63 -27.15
C MET A 189 21.83 11.55 -27.54
N ALA A 190 21.48 11.96 -28.75
CA ALA A 190 20.09 11.90 -29.19
C ALA A 190 19.65 10.46 -29.46
N VAL A 191 20.52 9.68 -30.11
CA VAL A 191 20.23 8.26 -30.33
C VAL A 191 20.10 7.53 -29.01
N ALA A 192 20.87 7.94 -27.99
CA ALA A 192 20.77 7.36 -26.67
C ALA A 192 19.63 7.97 -25.86
N LEU A 193 19.03 9.05 -26.34
CA LEU A 193 17.87 9.65 -25.69
C LEU A 193 16.56 9.18 -26.30
N ILE A 194 16.60 8.44 -27.40
CA ILE A 194 15.39 7.89 -27.98
C ILE A 194 14.95 6.65 -27.22
N THR A 195 15.90 5.77 -26.91
CA THR A 195 15.55 4.54 -26.19
C THR A 195 14.88 4.85 -24.85
N THR A 196 15.03 6.08 -24.35
CA THR A 196 14.26 6.50 -23.19
C THR A 196 12.88 6.99 -23.59
N LEU A 197 12.78 7.72 -24.71
CA LEU A 197 11.49 8.24 -25.15
C LEU A 197 10.53 7.11 -25.48
N TYR A 198 11.03 6.03 -26.10
CA TYR A 198 10.19 4.86 -26.32
C TYR A 198 9.74 4.25 -25.00
N GLY A 199 10.58 4.33 -23.97
CA GLY A 199 10.18 3.85 -22.67
C GLY A 199 9.14 4.71 -21.99
N ALA A 200 9.03 5.98 -22.37
CA ALA A 200 8.02 6.86 -21.80
C ALA A 200 6.79 6.98 -22.68
N ILE A 201 6.91 6.69 -23.98
CA ILE A 201 5.74 6.68 -24.85
C ILE A 201 4.89 5.45 -24.57
N LEU A 202 5.50 4.28 -24.53
CA LEU A 202 4.76 3.04 -24.37
C LEU A 202 4.26 2.86 -22.94
N ALA A 203 5.03 3.31 -21.95
CA ALA A 203 4.64 3.08 -20.57
C ALA A 203 3.50 4.01 -20.15
N ASN A 204 3.49 5.23 -20.67
CA ASN A 204 2.48 6.20 -20.23
C ASN A 204 1.30 6.31 -21.20
N ALA A 205 1.54 6.25 -22.50
CA ALA A 205 0.45 6.40 -23.45
C ALA A 205 -0.20 5.08 -23.82
N PHE A 206 0.49 3.97 -23.67
CA PHE A 206 -0.11 2.70 -24.10
C PHE A 206 -0.25 1.68 -22.99
N ALA A 207 0.75 1.49 -22.15
CA ALA A 207 0.73 0.40 -21.20
C ALA A 207 0.11 0.74 -19.85
N ILE A 208 -0.01 2.02 -19.51
CA ILE A 208 -0.72 2.42 -18.30
C ILE A 208 -2.23 2.49 -18.56
N PRO A 209 -2.71 3.07 -19.65
CA PRO A 209 -4.16 3.01 -19.91
C PRO A 209 -4.70 1.61 -20.05
N VAL A 210 -4.02 0.71 -20.76
CA VAL A 210 -4.50 -0.66 -20.87
C VAL A 210 -4.40 -1.35 -19.52
N ALA A 211 -3.44 -0.95 -18.70
CA ALA A 211 -3.34 -1.51 -17.36
C ALA A 211 -4.45 -1.01 -16.45
N ASN A 212 -5.21 0.00 -16.87
CA ASN A 212 -6.31 0.51 -16.07
C ASN A 212 -7.67 0.18 -16.67
N LYS A 213 -7.84 0.30 -17.99
CA LYS A 213 -9.07 -0.14 -18.61
C LYS A 213 -9.29 -1.63 -18.40
N LEU A 214 -8.22 -2.37 -18.12
CA LEU A 214 -8.35 -3.76 -17.69
C LEU A 214 -8.75 -3.88 -16.23
N LYS A 215 -8.63 -2.78 -15.47
CA LYS A 215 -9.02 -2.80 -14.06
C LYS A 215 -10.42 -2.26 -13.86
N LYS A 216 -10.79 -1.22 -14.60
CA LYS A 216 -12.16 -0.72 -14.56
C LYS A 216 -13.12 -1.62 -15.32
N ALA A 217 -12.62 -2.55 -16.11
CA ALA A 217 -13.45 -3.59 -16.69
C ALA A 217 -13.54 -4.82 -15.79
N LYS A 218 -12.62 -4.97 -14.84
CA LYS A 218 -12.73 -6.02 -13.84
C LYS A 218 -13.70 -5.63 -12.75
N ASP A 219 -13.46 -4.47 -12.12
CA ASP A 219 -14.32 -4.00 -11.04
C ASP A 219 -15.76 -3.79 -11.49
N MET A 220 -16.02 -3.70 -12.80
CA MET A 220 -17.38 -3.54 -13.29
C MET A 220 -18.02 -4.89 -13.61
N GLU A 221 -17.23 -5.84 -14.11
CA GLU A 221 -17.76 -7.17 -14.41
C GLU A 221 -17.76 -8.09 -13.19
N VAL A 222 -16.95 -7.78 -12.18
CA VAL A 222 -17.08 -8.48 -10.91
C VAL A 222 -18.29 -7.95 -10.14
N LEU A 223 -18.59 -6.67 -10.30
CA LEU A 223 -19.73 -6.08 -9.59
C LEU A 223 -21.05 -6.68 -10.05
N VAL A 224 -21.15 -7.06 -11.32
CA VAL A 224 -22.37 -7.70 -11.79
C VAL A 224 -22.42 -9.15 -11.32
N LYS A 225 -21.28 -9.81 -11.24
CA LYS A 225 -21.24 -11.17 -10.70
C LYS A 225 -21.43 -11.19 -9.20
N THR A 226 -21.13 -10.07 -8.52
CA THR A 226 -21.36 -10.00 -7.08
C THR A 226 -22.80 -9.61 -6.78
N ILE A 227 -23.61 -9.40 -7.82
CA ILE A 227 -25.03 -9.12 -7.63
C ILE A 227 -25.86 -10.36 -7.88
N TYR A 228 -25.44 -11.20 -8.83
CA TYR A 228 -26.10 -12.48 -9.05
C TYR A 228 -25.99 -13.38 -7.83
N ILE A 229 -24.87 -13.31 -7.11
CA ILE A 229 -24.67 -14.16 -5.95
C ILE A 229 -25.62 -13.75 -4.82
N GLU A 230 -25.88 -12.45 -4.68
CA GLU A 230 -26.80 -11.99 -3.65
C GLU A 230 -28.25 -12.26 -4.02
N ALA A 231 -28.58 -12.30 -5.31
CA ALA A 231 -29.95 -12.61 -5.71
C ALA A 231 -30.25 -14.09 -5.53
N ILE A 232 -29.33 -14.96 -5.94
CA ILE A 232 -29.52 -16.40 -5.77
C ILE A 232 -29.75 -16.76 -4.31
N GLU A 233 -29.07 -16.07 -3.39
CA GLU A 233 -29.36 -16.26 -1.97
C GLU A 233 -30.79 -15.84 -1.65
N LYS A 234 -31.30 -14.83 -2.35
CA LYS A 234 -32.66 -14.36 -2.15
C LYS A 234 -33.64 -14.93 -3.18
N ILE A 235 -33.15 -15.73 -4.13
CA ILE A 235 -34.04 -16.42 -5.05
C ILE A 235 -34.60 -17.69 -4.41
N GLN A 236 -33.73 -18.46 -3.74
CA GLN A 236 -34.16 -19.70 -3.10
C GLN A 236 -34.88 -19.46 -1.79
N LYS A 237 -34.70 -18.31 -1.14
CA LYS A 237 -35.48 -17.98 0.04
C LYS A 237 -36.89 -17.55 -0.28
N GLY A 238 -37.33 -17.74 -1.52
CA GLY A 238 -38.71 -17.46 -1.91
C GLY A 238 -39.12 -16.01 -1.76
N GLU A 239 -38.16 -15.09 -1.90
CA GLU A 239 -38.50 -13.68 -1.79
C GLU A 239 -39.34 -13.25 -3.00
N ASN A 240 -40.10 -12.18 -2.79
CA ASN A 240 -40.98 -11.68 -3.84
C ASN A 240 -40.17 -11.34 -5.08
N PRO A 241 -40.63 -11.72 -6.27
CA PRO A 241 -39.89 -11.37 -7.49
C PRO A 241 -39.72 -9.87 -7.67
N ASN A 242 -40.69 -9.07 -7.23
CA ASN A 242 -40.60 -7.63 -7.33
C ASN A 242 -39.67 -7.01 -6.30
N VAL A 243 -39.20 -7.79 -5.33
CA VAL A 243 -38.29 -7.27 -4.31
C VAL A 243 -36.83 -7.59 -4.60
N VAL A 244 -36.55 -8.59 -5.44
CA VAL A 244 -35.17 -8.85 -5.81
C VAL A 244 -34.69 -7.87 -6.87
N LYS A 245 -35.60 -7.33 -7.68
CA LYS A 245 -35.26 -6.17 -8.49
C LYS A 245 -35.07 -4.94 -7.62
N GLN A 246 -36.04 -4.65 -6.75
CA GLN A 246 -35.98 -3.45 -5.92
C GLN A 246 -34.78 -3.48 -4.97
N GLU A 247 -34.33 -4.67 -4.59
CA GLU A 247 -33.11 -4.79 -3.80
C GLU A 247 -31.86 -4.83 -4.65
N ALA A 248 -31.98 -4.78 -5.98
CA ALA A 248 -30.83 -4.66 -6.86
C ALA A 248 -30.72 -3.32 -7.54
N ALA A 249 -31.85 -2.70 -7.91
CA ALA A 249 -31.80 -1.34 -8.41
C ALA A 249 -31.25 -0.38 -7.38
N ILE A 250 -31.58 -0.61 -6.10
CA ILE A 250 -30.94 0.14 -5.03
C ILE A 250 -29.47 -0.27 -4.91
N MET A 251 -29.17 -1.55 -5.12
CA MET A 251 -27.81 -2.04 -4.93
C MET A 251 -26.88 -1.61 -6.06
N LEU A 252 -27.40 -1.34 -7.24
CA LEU A 252 -26.59 -0.90 -8.37
C LEU A 252 -26.69 0.60 -8.63
N GLY A 253 -27.69 1.27 -8.09
CA GLY A 253 -27.89 2.68 -8.35
C GLY A 253 -28.74 2.99 -9.55
N VAL A 254 -29.61 2.08 -9.97
CA VAL A 254 -30.42 2.25 -11.16
C VAL A 254 -31.80 2.74 -10.76
N GLU A 255 -32.38 3.64 -11.56
CA GLU A 255 -33.74 4.08 -11.34
C GLU A 255 -34.73 3.11 -11.98
N LEU A 256 -35.82 2.83 -11.27
CA LEU A 256 -36.89 2.00 -11.80
C LEU A 256 -38.22 2.73 -11.70
N PRO A 257 -38.98 2.84 -12.80
CA PRO A 257 -40.28 3.50 -12.80
C PRO A 257 -41.34 2.75 -12.00
N VAL B 5 -25.16 25.28 6.15
CA VAL B 5 -24.36 24.94 4.97
C VAL B 5 -23.85 26.20 4.29
N HIS B 6 -22.68 26.11 3.69
CA HIS B 6 -22.13 27.17 2.86
C HIS B 6 -21.25 26.56 1.79
N MET B 7 -20.47 27.40 1.10
CA MET B 7 -19.55 26.90 0.08
C MET B 7 -18.17 26.81 0.71
N ASP B 8 -17.52 25.67 0.58
CA ASP B 8 -16.16 25.51 1.07
C ASP B 8 -15.23 26.35 0.20
N VAL B 9 -14.68 27.42 0.78
CA VAL B 9 -13.90 28.39 0.02
C VAL B 9 -12.42 28.02 0.17
N GLY B 10 -12.16 26.77 0.49
CA GLY B 10 -10.80 26.31 0.69
C GLY B 10 -10.08 25.99 -0.60
N THR B 11 -10.81 25.59 -1.63
CA THR B 11 -10.21 25.22 -2.90
C THR B 11 -10.31 26.30 -3.97
N ILE B 12 -11.31 27.17 -3.90
CA ILE B 12 -11.42 28.23 -4.89
C ILE B 12 -10.55 29.42 -4.53
N ILE B 13 -10.11 29.52 -3.27
CA ILE B 13 -9.20 30.57 -2.83
C ILE B 13 -7.83 30.03 -2.48
N GLY B 14 -7.68 28.71 -2.37
CA GLY B 14 -6.41 28.11 -2.01
C GLY B 14 -5.66 27.61 -3.21
N ILE B 15 -6.36 27.37 -4.32
CA ILE B 15 -5.71 27.06 -5.59
C ILE B 15 -5.40 28.31 -6.40
N ILE B 16 -6.34 29.25 -6.47
CA ILE B 16 -6.06 30.53 -7.13
C ILE B 16 -4.94 31.30 -6.45
N ALA B 17 -4.85 31.26 -5.12
CA ALA B 17 -3.71 31.82 -4.43
C ALA B 17 -2.46 30.95 -4.54
N ALA B 18 -2.59 29.76 -5.14
CA ALA B 18 -1.45 28.92 -5.47
C ALA B 18 -1.19 28.86 -6.96
N PHE B 19 -2.01 29.53 -7.77
CA PHE B 19 -1.73 29.75 -9.18
C PHE B 19 -1.26 31.17 -9.45
N LEU B 20 -1.23 32.03 -8.42
CA LEU B 20 -0.62 33.34 -8.51
C LEU B 20 0.82 33.35 -8.02
N LEU B 21 1.12 32.65 -6.92
CA LEU B 21 2.51 32.53 -6.49
C LEU B 21 3.36 31.79 -7.52
N ILE B 22 2.72 30.98 -8.38
CA ILE B 22 3.40 30.45 -9.56
C ILE B 22 3.39 31.45 -10.71
N LEU B 23 2.66 32.55 -10.57
CA LEU B 23 2.56 33.56 -11.61
C LEU B 23 3.18 34.89 -11.22
N ILE B 24 3.31 35.18 -9.92
CA ILE B 24 4.06 36.35 -9.48
C ILE B 24 5.56 36.07 -9.46
N SER B 25 5.97 34.81 -9.30
CA SER B 25 7.37 34.46 -9.45
C SER B 25 7.82 34.51 -10.91
N ILE B 26 6.88 34.51 -11.84
CA ILE B 26 7.22 34.65 -13.25
C ILE B 26 7.31 36.12 -13.65
N LEU B 27 6.40 36.96 -13.18
CA LEU B 27 6.43 38.38 -13.49
C LEU B 27 7.54 39.13 -12.76
N ILE B 28 8.16 38.50 -11.76
CA ILE B 28 9.24 39.15 -11.03
C ILE B 28 10.58 39.07 -11.76
N GLY B 29 10.85 37.96 -12.43
CA GLY B 29 12.14 37.80 -13.09
C GLY B 29 12.12 38.07 -14.58
N GLY B 30 10.96 38.41 -15.12
CA GLY B 30 10.84 38.65 -16.55
C GLY B 30 9.43 38.94 -17.00
N SER B 31 9.00 38.25 -18.06
CA SER B 31 7.64 38.37 -18.56
C SER B 31 7.05 36.98 -18.73
N ILE B 32 5.73 36.94 -18.94
CA ILE B 32 5.08 35.67 -19.21
C ILE B 32 5.17 35.30 -20.67
N THR B 33 5.53 36.25 -21.55
CA THR B 33 5.69 35.94 -22.96
C THR B 33 6.84 34.98 -23.23
N ALA B 34 7.64 34.66 -22.22
CA ALA B 34 8.68 33.65 -22.34
C ALA B 34 8.23 32.28 -21.85
N PHE B 35 7.28 32.23 -20.92
CA PHE B 35 6.74 30.99 -20.40
C PHE B 35 5.47 30.55 -21.10
N ILE B 36 5.00 31.31 -22.08
CA ILE B 36 3.90 30.89 -22.93
C ILE B 36 4.50 30.12 -24.10
N ASN B 37 4.07 28.87 -24.29
CA ASN B 37 4.55 28.04 -25.39
C ASN B 37 3.35 27.23 -25.88
N VAL B 38 2.75 27.68 -26.98
CA VAL B 38 1.51 27.09 -27.49
C VAL B 38 1.70 25.63 -27.90
N PRO B 39 2.72 25.27 -28.70
CA PRO B 39 2.83 23.86 -29.13
C PRO B 39 3.23 22.92 -28.01
N SER B 40 3.33 23.43 -26.78
CA SER B 40 3.61 22.60 -25.63
C SER B 40 2.46 22.53 -24.63
N ILE B 41 1.39 23.30 -24.83
CA ILE B 41 0.21 23.13 -24.01
C ILE B 41 -0.66 22.02 -24.55
N PHE B 42 -0.30 21.45 -25.70
CA PHE B 42 -1.08 20.38 -26.30
C PHE B 42 -0.52 19.00 -25.99
N ILE B 43 0.70 18.90 -25.45
CA ILE B 43 1.22 17.60 -25.07
C ILE B 43 0.91 17.27 -23.62
N VAL B 44 0.87 18.27 -22.73
CA VAL B 44 0.58 18.02 -21.33
C VAL B 44 -0.91 18.17 -21.04
N VAL B 45 -1.54 19.25 -21.50
CA VAL B 45 -2.97 19.44 -21.27
C VAL B 45 -3.78 18.65 -22.28
N GLY B 46 -3.36 18.68 -23.54
CA GLY B 46 -4.08 17.93 -24.55
C GLY B 46 -3.72 16.47 -24.60
N GLY B 47 -2.51 16.12 -24.16
CA GLY B 47 -2.08 14.74 -24.17
C GLY B 47 -2.50 14.00 -22.92
N GLY B 48 -2.12 14.53 -21.75
CA GLY B 48 -2.46 13.88 -20.50
C GLY B 48 -3.95 13.77 -20.24
N MET B 49 -4.76 14.56 -20.95
CA MET B 49 -6.21 14.44 -20.86
C MET B 49 -6.76 13.46 -21.88
N ALA B 50 -5.99 13.16 -22.93
CA ALA B 50 -6.41 12.16 -23.89
C ALA B 50 -5.83 10.79 -23.55
N ALA B 51 -4.60 10.76 -23.05
CA ALA B 51 -4.00 9.51 -22.58
C ALA B 51 -4.53 9.09 -21.22
N ALA B 52 -5.41 9.88 -20.62
CA ALA B 52 -6.16 9.47 -19.44
C ALA B 52 -7.64 9.31 -19.72
N MET B 53 -8.07 9.51 -20.97
CA MET B 53 -9.39 9.03 -21.39
C MET B 53 -9.35 7.55 -21.69
N GLY B 54 -8.21 7.06 -22.19
CA GLY B 54 -8.05 5.65 -22.48
C GLY B 54 -7.90 4.77 -21.26
N ALA B 55 -7.63 5.35 -20.11
CA ALA B 55 -7.52 4.57 -18.89
C ALA B 55 -8.86 4.32 -18.21
N PHE B 56 -9.94 4.93 -18.70
CA PHE B 56 -11.25 4.82 -18.10
C PHE B 56 -12.30 4.67 -19.19
N PRO B 57 -13.40 3.98 -18.90
CA PRO B 57 -14.54 4.02 -19.81
C PRO B 57 -14.98 5.45 -20.08
N LEU B 58 -15.72 5.64 -21.17
CA LEU B 58 -16.06 7.00 -21.57
C LEU B 58 -16.99 7.68 -20.59
N LYS B 59 -17.70 6.89 -19.78
CA LYS B 59 -18.61 7.47 -18.79
C LYS B 59 -17.94 7.74 -17.46
N ASP B 60 -16.93 6.94 -17.09
CA ASP B 60 -16.22 7.14 -15.83
C ASP B 60 -15.16 8.22 -15.93
N PHE B 61 -14.83 8.70 -17.13
CA PHE B 61 -13.93 9.83 -17.31
C PHE B 61 -14.66 11.16 -17.39
N ILE B 62 -15.78 11.21 -18.10
CA ILE B 62 -16.60 12.41 -18.10
C ILE B 62 -17.10 12.72 -16.69
N ARG B 63 -17.41 11.69 -15.91
CA ARG B 63 -17.82 11.93 -14.53
C ARG B 63 -16.70 12.50 -13.70
N GLY B 64 -15.46 12.05 -13.94
CA GLY B 64 -14.35 12.52 -13.14
C GLY B 64 -13.77 13.84 -13.60
N VAL B 65 -13.84 14.11 -14.91
CA VAL B 65 -13.31 15.36 -15.42
C VAL B 65 -14.31 16.49 -15.21
N LEU B 66 -15.59 16.16 -15.05
CA LEU B 66 -16.60 17.13 -14.65
C LEU B 66 -16.81 17.17 -13.15
N ALA B 67 -16.03 16.43 -12.38
CA ALA B 67 -16.13 16.43 -10.94
C ALA B 67 -15.29 17.51 -10.28
N ILE B 68 -14.89 18.53 -11.03
CA ILE B 68 -14.28 19.70 -10.41
C ILE B 68 -15.33 20.63 -9.84
N LYS B 69 -16.54 20.61 -10.39
CA LYS B 69 -17.64 21.38 -9.81
C LYS B 69 -17.97 20.91 -8.40
N LYS B 70 -17.52 19.72 -8.01
CA LYS B 70 -17.64 19.26 -6.64
C LYS B 70 -16.42 19.60 -5.79
N ALA B 71 -15.27 19.87 -6.41
CA ALA B 71 -14.12 20.30 -5.63
C ALA B 71 -14.24 21.78 -5.26
N PHE B 72 -14.49 22.64 -6.25
CA PHE B 72 -14.48 24.07 -5.99
C PHE B 72 -15.70 24.49 -5.19
N LEU B 73 -16.90 24.25 -5.72
CA LEU B 73 -18.13 24.61 -5.02
C LEU B 73 -18.71 23.36 -4.37
N TRP B 74 -18.20 23.06 -3.17
CA TRP B 74 -18.71 21.97 -2.35
C TRP B 74 -19.30 22.53 -1.07
N LYS B 75 -20.34 21.87 -0.56
CA LYS B 75 -21.04 22.32 0.63
C LYS B 75 -20.94 21.25 1.70
N PRO B 76 -20.16 21.47 2.76
CA PRO B 76 -20.03 20.44 3.79
C PRO B 76 -21.38 20.13 4.41
N PRO B 77 -21.71 18.86 4.57
CA PRO B 77 -23.03 18.51 5.14
C PRO B 77 -23.13 18.99 6.58
N ASP B 78 -24.18 19.75 6.86
CA ASP B 78 -24.39 20.24 8.21
C ASP B 78 -24.76 19.09 9.14
N LEU B 79 -23.81 18.67 9.97
CA LEU B 79 -24.05 17.56 10.88
C LEU B 79 -25.08 17.91 11.95
N ASN B 80 -25.44 19.18 12.07
CA ASN B 80 -26.52 19.57 12.99
C ASN B 80 -27.90 19.33 12.39
N ASP B 81 -27.97 18.77 11.19
CA ASP B 81 -29.22 18.37 10.55
C ASP B 81 -29.27 16.87 10.28
N VAL B 82 -28.11 16.24 10.07
CA VAL B 82 -28.06 14.77 10.05
C VAL B 82 -28.61 14.21 11.36
N ILE B 83 -28.51 15.00 12.43
CA ILE B 83 -29.04 14.56 13.72
C ILE B 83 -30.47 15.05 13.91
N GLU B 84 -30.84 16.13 13.23
CA GLU B 84 -32.21 16.64 13.32
C GLU B 84 -33.15 15.97 12.33
N THR B 85 -32.63 15.18 11.40
CA THR B 85 -33.49 14.37 10.54
C THR B 85 -33.79 13.03 11.17
N ILE B 86 -32.82 12.47 11.90
CA ILE B 86 -33.04 11.22 12.61
C ILE B 86 -34.11 11.42 13.69
N GLY B 87 -34.08 12.56 14.39
CA GLY B 87 -35.13 12.86 15.33
C GLY B 87 -36.45 13.20 14.69
N GLU B 88 -36.45 13.47 13.38
CA GLU B 88 -37.68 13.77 12.67
C GLU B 88 -38.35 12.50 12.16
N ILE B 89 -37.57 11.43 11.96
CA ILE B 89 -38.15 10.16 11.55
C ILE B 89 -38.62 9.36 12.76
N ALA B 90 -37.77 9.25 13.78
CA ALA B 90 -38.11 8.44 14.95
C ALA B 90 -39.32 9.00 15.69
N SER B 91 -39.48 10.32 15.69
CA SER B 91 -40.69 10.90 16.28
C SER B 91 -41.89 10.74 15.36
N LYS B 92 -41.66 10.56 14.05
CA LYS B 92 -42.76 10.30 13.13
C LYS B 92 -43.00 8.80 12.95
N VAL B 93 -41.97 7.98 13.18
CA VAL B 93 -42.17 6.53 13.12
C VAL B 93 -42.83 6.02 14.40
N ARG B 94 -42.46 6.58 15.55
CA ARG B 94 -43.09 6.13 16.80
C ARG B 94 -44.52 6.63 16.92
N LYS B 95 -44.79 7.85 16.47
CA LYS B 95 -46.13 8.42 16.60
C LYS B 95 -47.12 7.76 15.66
N GLU B 96 -46.81 7.72 14.36
CA GLU B 96 -47.73 7.22 13.36
C GLU B 96 -47.30 5.88 12.77
N GLY B 97 -46.47 5.12 13.45
CA GLY B 97 -46.04 3.84 12.94
C GLY B 97 -45.02 3.99 11.82
N ILE B 98 -44.55 2.84 11.34
CA ILE B 98 -43.61 2.80 10.24
C ILE B 98 -44.32 2.94 8.90
N LEU B 99 -45.56 2.46 8.82
CA LEU B 99 -46.31 2.43 7.58
C LEU B 99 -46.72 3.82 7.09
N ALA B 100 -46.67 4.83 7.95
CA ALA B 100 -47.13 6.18 7.61
C ALA B 100 -45.99 7.10 7.23
N LEU B 101 -44.96 6.58 6.56
CA LEU B 101 -43.89 7.39 6.02
C LEU B 101 -44.02 7.61 4.51
N GLU B 102 -45.03 7.02 3.88
CA GLU B 102 -45.19 7.14 2.44
C GLU B 102 -45.34 8.58 1.98
N GLY B 103 -46.13 9.38 2.70
CA GLY B 103 -46.35 10.76 2.34
C GLY B 103 -45.16 11.68 2.55
N ASP B 104 -44.03 11.16 3.01
CA ASP B 104 -42.85 11.97 3.28
C ASP B 104 -41.57 11.34 2.72
N ILE B 105 -41.69 10.38 1.80
CA ILE B 105 -40.50 9.79 1.20
C ILE B 105 -39.83 10.79 0.26
N GLU B 106 -40.62 11.44 -0.60
CA GLU B 106 -40.05 12.41 -1.53
C GLU B 106 -39.38 13.57 -0.80
N LEU B 107 -39.73 13.80 0.46
CA LEU B 107 -38.98 14.75 1.27
C LEU B 107 -37.64 14.16 1.71
N TYR B 108 -37.65 12.93 2.23
CA TYR B 108 -36.42 12.27 2.64
C TYR B 108 -35.60 11.78 1.46
N TYR B 109 -36.16 11.80 0.25
CA TYR B 109 -35.38 11.47 -0.93
C TYR B 109 -34.56 12.65 -1.43
N GLN B 110 -34.87 13.86 -0.97
CA GLN B 110 -34.13 15.05 -1.35
C GLN B 110 -33.05 15.39 -0.33
N LYS B 111 -33.16 14.87 0.89
CA LYS B 111 -32.05 14.96 1.84
C LYS B 111 -30.82 14.26 1.25
N ASP B 112 -30.98 12.99 0.90
CA ASP B 112 -29.98 12.22 0.17
C ASP B 112 -30.68 11.03 -0.45
N PRO B 113 -30.29 10.62 -1.66
CA PRO B 113 -31.01 9.56 -2.36
C PRO B 113 -30.88 8.19 -1.71
N LEU B 114 -30.09 8.05 -0.64
CA LEU B 114 -29.96 6.74 0.01
C LEU B 114 -30.95 6.57 1.14
N LEU B 115 -31.30 7.65 1.84
CA LEU B 115 -32.33 7.54 2.87
C LEU B 115 -33.72 7.50 2.25
N GLY B 116 -33.87 8.01 1.02
CA GLY B 116 -35.17 8.02 0.39
C GLY B 116 -35.64 6.66 -0.07
N ASP B 117 -34.71 5.82 -0.50
CA ASP B 117 -35.04 4.47 -0.95
C ASP B 117 -34.77 3.42 0.12
N MET B 118 -34.06 3.77 1.18
CA MET B 118 -33.96 2.91 2.35
C MET B 118 -35.21 2.99 3.22
N ILE B 119 -35.95 4.09 3.15
CA ILE B 119 -37.28 4.13 3.74
C ILE B 119 -38.29 3.45 2.83
N ARG B 120 -38.11 3.57 1.50
CA ARG B 120 -38.98 2.85 0.58
C ARG B 120 -38.93 1.35 0.82
N MET B 121 -37.76 0.84 1.19
CA MET B 121 -37.66 -0.56 1.61
C MET B 121 -38.19 -0.76 3.01
N LEU B 122 -38.17 0.29 3.84
CA LEU B 122 -38.68 0.18 5.20
C LEU B 122 -40.21 0.14 5.21
N VAL B 123 -40.84 0.79 4.23
CA VAL B 123 -42.30 0.79 4.16
C VAL B 123 -42.85 -0.48 3.51
N ASP B 124 -42.11 -1.06 2.56
CA ASP B 124 -42.55 -2.32 1.95
C ASP B 124 -42.58 -3.46 2.94
N GLY B 125 -41.87 -3.35 4.06
CA GLY B 125 -41.85 -4.37 5.07
C GLY B 125 -40.67 -5.32 5.03
N ILE B 126 -39.58 -4.95 4.39
CA ILE B 126 -38.39 -5.78 4.34
C ILE B 126 -37.74 -5.77 5.72
N ASP B 127 -37.33 -6.95 6.18
CA ASP B 127 -36.63 -7.03 7.44
C ASP B 127 -35.29 -6.31 7.36
N ILE B 128 -34.85 -5.76 8.50
CA ILE B 128 -33.62 -4.98 8.53
C ILE B 128 -32.39 -5.81 8.22
N ASN B 129 -32.48 -7.12 8.29
CA ASN B 129 -31.37 -7.97 7.88
C ASN B 129 -31.20 -8.03 6.37
N ASP B 130 -32.05 -7.35 5.62
CA ASP B 130 -31.88 -7.20 4.19
C ASP B 130 -31.87 -5.74 3.74
N ILE B 131 -32.38 -4.81 4.55
CA ILE B 131 -32.27 -3.39 4.23
C ILE B 131 -30.87 -2.89 4.54
N LYS B 132 -30.45 -3.05 5.79
CA LYS B 132 -29.08 -2.67 6.16
C LYS B 132 -28.06 -3.51 5.41
N ALA B 133 -28.41 -4.76 5.09
CA ALA B 133 -27.51 -5.60 4.31
C ALA B 133 -27.44 -5.19 2.85
N THR B 134 -28.41 -4.44 2.36
CA THR B 134 -28.37 -3.88 1.01
C THR B 134 -27.79 -2.46 1.01
N ALA B 135 -28.31 -1.60 1.88
CA ALA B 135 -27.85 -0.21 1.91
C ALA B 135 -26.40 -0.09 2.35
N GLU B 136 -25.84 -1.11 3.00
CA GLU B 136 -24.40 -1.13 3.24
C GLU B 136 -23.65 -1.56 1.99
N MET B 137 -24.27 -2.40 1.15
CA MET B 137 -23.65 -2.78 -0.11
C MET B 137 -24.04 -1.84 -1.25
N ALA B 138 -25.15 -1.13 -1.10
CA ALA B 138 -25.49 -0.09 -2.06
C ALA B 138 -24.68 1.17 -1.81
N LEU B 139 -24.07 1.27 -0.64
CA LEU B 139 -23.17 2.39 -0.37
C LEU B 139 -21.74 2.07 -0.79
N ALA B 140 -21.31 0.83 -0.61
CA ALA B 140 -19.99 0.42 -1.06
C ALA B 140 -19.82 0.56 -2.56
N GLN B 141 -20.92 0.53 -3.31
CA GLN B 141 -20.91 0.81 -4.74
C GLN B 141 -21.40 2.21 -5.06
N LEU B 142 -21.69 3.02 -4.03
CA LEU B 142 -21.84 4.46 -4.22
C LEU B 142 -20.52 5.18 -3.99
N ASP B 143 -19.53 4.49 -3.43
CA ASP B 143 -18.18 5.05 -3.37
C ASP B 143 -17.45 4.89 -4.70
N GLU B 144 -17.58 3.74 -5.35
CA GLU B 144 -16.87 3.53 -6.60
C GLU B 144 -17.30 4.52 -7.69
N LYS B 145 -18.44 5.18 -7.51
CA LYS B 145 -18.76 6.32 -8.35
C LYS B 145 -18.05 7.57 -7.88
N MET B 146 -17.82 7.70 -6.58
CA MET B 146 -17.02 8.80 -6.04
C MET B 146 -15.53 8.47 -6.00
N SER B 147 -15.18 7.21 -5.78
CA SER B 147 -13.78 6.81 -5.77
C SER B 147 -13.18 6.76 -7.17
N THR B 148 -14.00 6.95 -8.21
CA THR B 148 -13.46 7.12 -9.55
C THR B 148 -13.23 8.58 -9.87
N GLU B 149 -14.18 9.45 -9.50
CA GLU B 149 -13.95 10.88 -9.63
C GLU B 149 -12.66 11.30 -8.93
N VAL B 150 -12.22 10.54 -7.93
CA VAL B 150 -10.89 10.71 -7.37
C VAL B 150 -9.86 10.02 -8.24
N ALA B 151 -10.14 8.77 -8.64
CA ALA B 151 -9.18 7.98 -9.40
C ALA B 151 -8.89 8.55 -10.77
N VAL B 152 -9.72 9.46 -11.28
CA VAL B 152 -9.40 10.14 -12.52
C VAL B 152 -8.35 11.22 -12.26
N TRP B 153 -8.57 12.02 -11.21
CA TRP B 153 -7.69 13.13 -10.91
C TRP B 153 -6.39 12.70 -10.23
N GLU B 154 -6.31 11.45 -9.77
CA GLU B 154 -5.02 10.89 -9.39
C GLU B 154 -4.32 10.25 -10.58
N LYS B 155 -5.01 10.11 -11.71
CA LYS B 155 -4.41 9.64 -12.95
C LYS B 155 -3.97 10.79 -13.83
N LEU B 156 -4.71 11.90 -13.82
CA LEU B 156 -4.22 13.11 -14.48
C LEU B 156 -3.09 13.73 -13.67
N ALA B 157 -3.04 13.46 -12.37
CA ALA B 157 -1.93 13.92 -11.55
C ALA B 157 -0.65 13.17 -11.84
N ASP B 158 -0.75 11.97 -12.41
CA ASP B 158 0.40 11.15 -12.76
C ASP B 158 0.65 11.09 -14.26
N LEU B 159 -0.28 11.56 -15.08
CA LEU B 159 -0.09 11.62 -16.52
C LEU B 159 0.12 13.02 -17.05
N PHE B 160 -0.09 14.05 -16.24
CA PHE B 160 0.35 15.39 -16.63
C PHE B 160 1.85 15.56 -16.54
N PRO B 161 2.55 15.14 -15.48
CA PRO B 161 4.01 15.28 -15.47
C PRO B 161 4.72 14.17 -16.23
N ALA B 162 4.02 13.09 -16.57
CA ALA B 162 4.61 12.03 -17.37
C ALA B 162 4.56 12.34 -18.85
N PHE B 163 3.66 13.23 -19.27
CA PHE B 163 3.66 13.75 -20.62
C PHE B 163 4.51 15.01 -20.76
N GLY B 164 4.95 15.59 -19.64
CA GLY B 164 5.98 16.61 -19.71
C GLY B 164 7.35 16.02 -19.96
N MET B 165 7.67 14.90 -19.29
CA MET B 165 8.91 14.19 -19.57
C MET B 165 8.91 13.62 -20.99
N ILE B 166 7.74 13.50 -21.62
CA ILE B 166 7.70 13.18 -23.04
C ILE B 166 7.92 14.43 -23.87
N GLY B 167 7.17 15.49 -23.58
CA GLY B 167 7.35 16.74 -24.30
C GLY B 167 8.73 17.33 -24.19
N THR B 168 9.43 17.05 -23.11
CA THR B 168 10.84 17.45 -23.01
C THR B 168 11.70 16.61 -23.94
N LEU B 169 11.65 15.28 -23.79
CA LEU B 169 12.47 14.40 -24.60
C LEU B 169 12.20 14.54 -26.09
N ILE B 170 10.99 14.95 -26.49
CA ILE B 170 10.73 15.24 -27.90
C ILE B 170 11.31 16.59 -28.28
N GLY B 171 11.28 17.55 -27.36
CA GLY B 171 11.87 18.84 -27.59
C GLY B 171 13.34 18.92 -27.29
N LEU B 172 13.89 17.94 -26.59
CA LEU B 172 15.31 17.85 -26.32
C LEU B 172 16.07 17.10 -27.40
N ILE B 173 15.40 16.24 -28.16
CA ILE B 173 16.07 15.52 -29.24
C ILE B 173 16.17 16.40 -30.48
N GLN B 174 15.09 17.11 -30.81
CA GLN B 174 15.12 18.02 -31.95
C GLN B 174 16.16 19.12 -31.78
N MET B 175 16.68 19.31 -30.56
CA MET B 175 17.78 20.24 -30.35
C MET B 175 19.13 19.57 -30.61
N LEU B 176 19.31 18.34 -30.13
CA LEU B 176 20.57 17.65 -30.30
C LEU B 176 20.82 17.19 -31.74
N ARG B 177 19.75 16.93 -32.50
CA ARG B 177 19.92 16.61 -33.90
C ARG B 177 20.59 17.76 -34.65
N ASN B 178 20.17 18.99 -34.37
CA ASN B 178 20.67 20.17 -35.05
C ASN B 178 21.30 21.09 -34.01
N LEU B 179 22.56 20.82 -33.67
CA LEU B 179 23.29 21.59 -32.67
C LEU B 179 24.46 22.36 -33.28
N ASN B 180 24.38 22.69 -34.57
CA ASN B 180 25.46 23.44 -35.20
C ASN B 180 25.52 24.87 -34.67
N ASP B 181 24.37 25.48 -34.42
CA ASP B 181 24.31 26.86 -33.96
C ASP B 181 24.63 26.90 -32.48
N PRO B 182 25.64 27.68 -32.05
CA PRO B 182 25.93 27.77 -30.61
C PRO B 182 24.87 28.53 -29.83
N SER B 183 24.07 29.38 -30.47
CA SER B 183 22.99 30.09 -29.80
C SER B 183 21.66 29.35 -29.89
N ALA B 184 21.66 28.11 -30.38
CA ALA B 184 20.46 27.30 -30.46
C ALA B 184 20.32 26.31 -29.33
N LEU B 185 21.27 26.30 -28.38
CA LEU B 185 21.17 25.42 -27.23
C LEU B 185 20.52 26.11 -26.04
N GLY B 186 20.73 27.41 -25.87
CA GLY B 186 20.11 28.14 -24.80
C GLY B 186 18.60 28.20 -24.95
N PRO B 187 18.13 28.99 -25.92
CA PRO B 187 16.68 29.06 -26.17
C PRO B 187 16.06 27.73 -26.55
N GLY B 188 16.86 26.75 -26.97
CA GLY B 188 16.31 25.43 -27.25
C GLY B 188 16.14 24.59 -26.00
N MET B 189 16.98 24.81 -24.99
CA MET B 189 16.86 24.08 -23.73
C MET B 189 15.77 24.66 -22.85
N ALA B 190 15.48 25.96 -22.98
CA ALA B 190 14.41 26.56 -22.20
C ALA B 190 13.05 26.08 -22.67
N VAL B 191 12.82 26.08 -23.98
CA VAL B 191 11.55 25.61 -24.54
C VAL B 191 11.33 24.14 -24.21
N ALA B 192 12.40 23.34 -24.22
CA ALA B 192 12.27 21.94 -23.84
C ALA B 192 12.21 21.75 -22.33
N LEU B 193 12.36 22.81 -21.55
CA LEU B 193 12.20 22.76 -20.11
C LEU B 193 10.89 23.39 -19.66
N ILE B 194 10.16 24.01 -20.58
CA ILE B 194 8.83 24.54 -20.26
C ILE B 194 7.81 23.42 -20.25
N THR B 195 7.88 22.51 -21.23
CA THR B 195 6.94 21.41 -21.30
C THR B 195 7.01 20.53 -20.06
N THR B 196 8.08 20.68 -19.26
CA THR B 196 8.11 20.02 -17.96
C THR B 196 7.47 20.91 -16.90
N LEU B 197 7.67 22.22 -16.99
CA LEU B 197 7.05 23.14 -16.04
C LEU B 197 5.54 23.12 -16.16
N TYR B 198 5.03 23.01 -17.39
CA TYR B 198 3.59 22.91 -17.58
C TYR B 198 3.02 21.66 -16.95
N GLY B 199 3.87 20.63 -16.74
CA GLY B 199 3.40 19.43 -16.09
C GLY B 199 3.34 19.53 -14.59
N ALA B 200 4.41 20.00 -13.95
CA ALA B 200 4.43 20.14 -12.51
C ALA B 200 3.67 21.38 -12.03
N ILE B 201 3.17 22.20 -12.94
CA ILE B 201 2.27 23.28 -12.53
C ILE B 201 0.85 22.74 -12.36
N LEU B 202 0.42 21.87 -13.27
CA LEU B 202 -0.91 21.31 -13.21
C LEU B 202 -0.98 20.09 -12.30
N ALA B 203 0.02 19.21 -12.38
CA ALA B 203 -0.01 17.99 -11.57
C ALA B 203 0.16 18.29 -10.09
N ASN B 204 0.62 19.50 -9.77
CA ASN B 204 0.87 19.89 -8.38
C ASN B 204 -0.16 20.90 -7.88
N ALA B 205 -0.32 22.01 -8.58
CA ALA B 205 -1.19 23.07 -8.12
C ALA B 205 -2.61 22.95 -8.62
N PHE B 206 -2.90 21.95 -9.44
CA PHE B 206 -4.26 21.81 -9.94
C PHE B 206 -4.83 20.41 -9.82
N ALA B 207 -4.02 19.38 -10.03
CA ALA B 207 -4.55 18.03 -10.12
C ALA B 207 -4.40 17.22 -8.84
N ILE B 208 -3.51 17.60 -7.94
CA ILE B 208 -3.38 16.92 -6.66
C ILE B 208 -4.44 17.43 -5.67
N PRO B 209 -4.67 18.74 -5.56
CA PRO B 209 -5.79 19.18 -4.70
C PRO B 209 -7.16 18.69 -5.14
N VAL B 210 -7.47 18.77 -6.45
CA VAL B 210 -8.77 18.29 -6.90
C VAL B 210 -8.89 16.78 -6.72
N ALA B 211 -7.76 16.08 -6.74
CA ALA B 211 -7.79 14.65 -6.43
C ALA B 211 -7.85 14.39 -4.93
N ASN B 212 -7.75 15.42 -4.11
CA ASN B 212 -7.78 15.26 -2.66
C ASN B 212 -8.90 16.05 -1.99
N LYS B 213 -9.43 17.08 -2.66
CA LYS B 213 -10.68 17.65 -2.23
C LYS B 213 -11.84 16.76 -2.64
N LEU B 214 -11.63 15.91 -3.65
CA LEU B 214 -12.59 14.88 -4.01
C LEU B 214 -12.49 13.66 -3.13
N LYS B 215 -11.43 13.55 -2.33
CA LYS B 215 -11.27 12.41 -1.43
C LYS B 215 -11.71 12.75 -0.02
N LYS B 216 -11.50 13.99 0.41
CA LYS B 216 -12.00 14.43 1.71
C LYS B 216 -13.45 14.87 1.64
N ALA B 217 -13.99 15.06 0.45
CA ALA B 217 -15.43 15.26 0.29
C ALA B 217 -16.17 13.95 0.19
N LYS B 218 -15.51 12.89 -0.27
CA LYS B 218 -16.14 11.57 -0.26
C LYS B 218 -16.30 11.06 1.16
N ASP B 219 -15.20 11.05 1.93
CA ASP B 219 -15.23 10.52 3.29
C ASP B 219 -16.25 11.22 4.17
N MET B 220 -16.65 12.45 3.85
CA MET B 220 -17.68 13.13 4.65
C MET B 220 -19.08 12.79 4.17
N GLU B 221 -19.26 12.59 2.86
CA GLU B 221 -20.57 12.24 2.34
C GLU B 221 -20.87 10.75 2.50
N VAL B 222 -19.86 9.91 2.64
CA VAL B 222 -20.10 8.51 2.99
C VAL B 222 -20.22 8.38 4.50
N LEU B 223 -19.75 9.36 5.26
CA LEU B 223 -19.95 9.35 6.70
C LEU B 223 -21.40 9.58 7.06
N VAL B 224 -22.07 10.49 6.36
CA VAL B 224 -23.47 10.75 6.62
C VAL B 224 -24.34 9.60 6.15
N LYS B 225 -23.98 8.97 5.01
CA LYS B 225 -24.72 7.81 4.57
C LYS B 225 -24.60 6.66 5.55
N THR B 226 -23.46 6.52 6.21
CA THR B 226 -23.27 5.41 7.14
C THR B 226 -24.07 5.61 8.42
N ILE B 227 -24.29 6.86 8.83
CA ILE B 227 -25.05 7.12 10.05
C ILE B 227 -26.52 6.81 9.84
N TYR B 228 -27.05 7.15 8.65
CA TYR B 228 -28.44 6.80 8.35
C TYR B 228 -28.66 5.30 8.42
N ILE B 229 -27.69 4.51 7.96
CA ILE B 229 -27.83 3.06 8.02
C ILE B 229 -27.82 2.58 9.46
N GLU B 230 -27.09 3.27 10.33
CA GLU B 230 -27.08 2.92 11.74
C GLU B 230 -28.26 3.51 12.49
N ALA B 231 -28.95 4.48 11.92
CA ALA B 231 -30.16 4.99 12.56
C ALA B 231 -31.38 4.17 12.16
N ILE B 232 -31.51 3.84 10.87
CA ILE B 232 -32.65 3.08 10.40
C ILE B 232 -32.73 1.72 11.08
N GLU B 233 -31.59 1.09 11.37
CA GLU B 233 -31.61 -0.15 12.14
C GLU B 233 -32.15 0.08 13.54
N LYS B 234 -31.86 1.26 14.11
CA LYS B 234 -32.41 1.62 15.41
C LYS B 234 -33.82 2.15 15.32
N ILE B 235 -34.33 2.40 14.12
CA ILE B 235 -35.71 2.85 13.96
C ILE B 235 -36.66 1.66 13.87
N GLN B 236 -36.33 0.69 13.01
CA GLN B 236 -37.20 -0.47 12.87
C GLN B 236 -37.28 -1.28 14.15
N LYS B 237 -36.22 -1.27 14.98
CA LYS B 237 -36.29 -1.88 16.30
C LYS B 237 -37.05 -1.01 17.30
N GLY B 238 -37.49 0.17 16.90
CA GLY B 238 -38.34 1.00 17.73
C GLY B 238 -37.67 1.63 18.93
N GLU B 239 -36.49 2.22 18.74
CA GLU B 239 -35.84 2.91 19.84
C GLU B 239 -36.35 4.34 19.95
N ASN B 240 -36.10 4.95 21.10
CA ASN B 240 -36.62 6.28 21.37
C ASN B 240 -35.97 7.30 20.44
N PRO B 241 -36.69 8.34 20.04
CA PRO B 241 -36.05 9.39 19.24
C PRO B 241 -34.90 10.08 19.95
N ASN B 242 -34.93 10.12 21.29
CA ASN B 242 -33.86 10.74 22.05
C ASN B 242 -32.66 9.83 22.23
N VAL B 243 -32.78 8.55 21.89
CA VAL B 243 -31.66 7.61 22.02
C VAL B 243 -31.05 7.25 20.69
N VAL B 244 -31.67 7.63 19.57
CA VAL B 244 -31.02 7.49 18.27
C VAL B 244 -30.18 8.71 17.94
N LYS B 245 -30.63 9.91 18.36
CA LYS B 245 -29.77 11.09 18.26
C LYS B 245 -28.65 11.04 19.29
N GLN B 246 -28.91 10.47 20.47
CA GLN B 246 -27.87 10.32 21.48
C GLN B 246 -26.73 9.47 20.95
N GLU B 247 -27.04 8.45 20.15
CA GLU B 247 -26.03 7.60 19.54
C GLU B 247 -25.61 8.07 18.16
N ALA B 248 -26.16 9.18 17.66
CA ALA B 248 -25.73 9.77 16.41
C ALA B 248 -24.88 11.00 16.58
N ALA B 249 -25.08 11.76 17.66
CA ALA B 249 -24.16 12.85 17.98
C ALA B 249 -22.81 12.29 18.41
N ILE B 250 -22.81 11.23 19.21
CA ILE B 250 -21.57 10.60 19.64
C ILE B 250 -20.89 9.90 18.47
N MET B 251 -21.67 9.25 17.60
CA MET B 251 -21.10 8.58 16.45
C MET B 251 -20.60 9.56 15.40
N LEU B 252 -21.02 10.83 15.48
CA LEU B 252 -20.58 11.85 14.55
C LEU B 252 -19.58 12.84 15.15
N GLY B 253 -19.58 13.00 16.47
CA GLY B 253 -18.73 13.99 17.09
C GLY B 253 -19.36 15.35 17.25
N VAL B 254 -20.66 15.42 17.43
CA VAL B 254 -21.37 16.70 17.53
C VAL B 254 -21.85 16.88 18.97
N GLU B 255 -21.92 18.12 19.42
CA GLU B 255 -22.48 18.43 20.72
C GLU B 255 -23.99 18.62 20.62
N LEU B 256 -24.72 18.11 21.61
CA LEU B 256 -26.15 18.30 21.71
C LEU B 256 -26.51 18.94 23.05
N PRO B 257 -27.43 19.91 23.07
CA PRO B 257 -27.82 20.62 24.28
C PRO B 257 -28.61 19.73 25.25
N VAL C 5 3.09 13.80 35.00
CA VAL C 5 3.05 13.77 33.54
C VAL C 5 3.93 14.88 32.97
N HIS C 6 5.02 14.49 32.32
CA HIS C 6 5.91 15.45 31.66
C HIS C 6 5.54 15.56 30.19
N MET C 7 6.31 16.36 29.43
CA MET C 7 6.02 16.56 28.02
C MET C 7 7.11 15.91 27.20
N ASP C 8 6.75 15.47 25.99
CA ASP C 8 7.71 14.83 25.10
C ASP C 8 8.68 15.85 24.55
N VAL C 9 9.94 15.76 24.97
CA VAL C 9 10.98 16.68 24.52
C VAL C 9 11.74 15.97 23.40
N GLY C 10 11.07 15.06 22.71
CA GLY C 10 11.67 14.31 21.64
C GLY C 10 11.63 15.01 20.30
N THR C 11 10.73 15.98 20.15
CA THR C 11 10.62 16.73 18.91
C THR C 11 11.11 18.16 19.04
N ILE C 12 11.01 18.76 20.22
CA ILE C 12 11.44 20.14 20.38
C ILE C 12 12.96 20.25 20.34
N ILE C 13 13.67 19.16 20.64
CA ILE C 13 15.13 19.15 20.50
C ILE C 13 15.50 18.24 19.33
N GLY C 14 14.50 17.60 18.73
CA GLY C 14 14.78 16.76 17.58
C GLY C 14 14.81 17.53 16.29
N ILE C 15 13.94 18.53 16.15
CA ILE C 15 13.91 19.36 14.97
C ILE C 15 14.80 20.60 15.14
N ILE C 16 14.81 21.18 16.34
CA ILE C 16 15.70 22.32 16.60
C ILE C 16 17.15 21.89 16.43
N ALA C 17 17.47 20.63 16.69
CA ALA C 17 18.79 20.11 16.39
C ALA C 17 18.94 19.63 14.96
N ALA C 18 17.85 19.57 14.20
CA ALA C 18 17.96 19.29 12.76
C ALA C 18 18.16 20.58 11.99
N PHE C 19 17.44 21.63 12.36
CA PHE C 19 17.64 22.94 11.74
C PHE C 19 18.92 23.61 12.22
N LEU C 20 19.60 23.02 13.19
CA LEU C 20 20.86 23.57 13.67
C LEU C 20 22.07 22.90 13.06
N LEU C 21 21.88 21.78 12.37
CA LEU C 21 22.94 21.16 11.59
C LEU C 21 22.85 21.50 10.11
N ILE C 22 21.66 21.81 9.62
CA ILE C 22 21.49 22.40 8.30
C ILE C 22 21.92 23.86 8.29
N LEU C 23 22.04 24.49 9.45
CA LEU C 23 22.47 25.88 9.55
C LEU C 23 23.92 26.01 9.97
N ILE C 24 24.48 24.98 10.61
CA ILE C 24 25.91 24.97 10.89
C ILE C 24 26.68 24.58 9.64
N SER C 25 26.18 23.58 8.90
CA SER C 25 26.82 23.19 7.65
C SER C 25 26.89 24.33 6.66
N ILE C 26 25.97 25.30 6.75
CA ILE C 26 26.04 26.49 5.93
C ILE C 26 27.12 27.45 6.40
N LEU C 27 27.20 27.71 7.70
CA LEU C 27 28.15 28.67 8.25
C LEU C 27 29.58 28.18 8.24
N ILE C 28 29.82 26.92 7.86
CA ILE C 28 31.18 26.40 7.80
C ILE C 28 31.87 26.83 6.51
N GLY C 29 31.25 26.54 5.37
CA GLY C 29 31.90 26.82 4.10
C GLY C 29 31.88 28.29 3.74
N GLY C 30 30.74 28.95 3.96
CA GLY C 30 30.59 30.35 3.62
C GLY C 30 29.73 31.06 4.63
N SER C 31 28.95 32.04 4.17
CA SER C 31 28.05 32.77 5.04
C SER C 31 26.63 32.28 4.86
N ILE C 32 25.71 32.88 5.62
CA ILE C 32 24.29 32.54 5.52
C ILE C 32 23.56 33.47 4.56
N THR C 33 24.07 34.68 4.32
CA THR C 33 23.40 35.61 3.41
C THR C 33 23.35 35.07 1.99
N ALA C 34 24.18 34.08 1.68
CA ALA C 34 24.16 33.49 0.35
C ALA C 34 22.96 32.59 0.13
N PHE C 35 22.32 32.14 1.21
CA PHE C 35 21.18 31.23 1.11
C PHE C 35 19.85 31.91 1.38
N ILE C 36 19.84 33.16 1.81
CA ILE C 36 18.59 33.87 2.07
C ILE C 36 18.06 34.43 0.76
N ASN C 37 17.00 33.84 0.24
CA ASN C 37 16.39 34.25 -1.01
C ASN C 37 14.91 34.48 -0.76
N VAL C 38 14.53 35.75 -0.55
CA VAL C 38 13.19 36.12 -0.12
C VAL C 38 12.13 35.81 -1.18
N PRO C 39 12.33 36.14 -2.47
CA PRO C 39 11.26 35.84 -3.44
C PRO C 39 11.16 34.38 -3.82
N SER C 40 11.89 33.52 -3.11
CA SER C 40 11.76 32.07 -3.27
C SER C 40 11.21 31.38 -2.04
N ILE C 41 11.09 32.09 -0.92
CA ILE C 41 10.35 31.56 0.20
C ILE C 41 8.86 31.55 -0.10
N PHE C 42 8.42 32.43 -0.99
CA PHE C 42 7.00 32.55 -1.29
C PHE C 42 6.50 31.51 -2.27
N ILE C 43 7.40 30.81 -2.97
CA ILE C 43 6.95 29.70 -3.80
C ILE C 43 6.93 28.39 -3.02
N VAL C 44 7.91 28.18 -2.14
CA VAL C 44 8.01 26.94 -1.39
C VAL C 44 7.14 26.97 -0.14
N VAL C 45 7.26 28.02 0.67
CA VAL C 45 6.45 28.15 1.88
C VAL C 45 5.11 28.78 1.58
N GLY C 46 5.09 29.77 0.67
CA GLY C 46 3.83 30.40 0.33
C GLY C 46 2.97 29.59 -0.61
N GLY C 47 3.60 28.80 -1.48
CA GLY C 47 2.86 28.01 -2.45
C GLY C 47 2.43 26.66 -1.89
N GLY C 48 3.38 25.92 -1.33
CA GLY C 48 3.06 24.60 -0.80
C GLY C 48 2.11 24.65 0.38
N MET C 49 1.95 25.82 1.00
CA MET C 49 0.93 25.99 2.03
C MET C 49 -0.42 26.38 1.43
N ALA C 50 -0.41 27.02 0.27
CA ALA C 50 -1.66 27.34 -0.40
C ALA C 50 -2.14 26.19 -1.27
N ALA C 51 -1.26 25.64 -2.10
CA ALA C 51 -1.60 24.50 -2.95
C ALA C 51 -1.94 23.26 -2.16
N ALA C 52 -1.67 23.23 -0.86
CA ALA C 52 -2.15 22.19 0.04
C ALA C 52 -3.24 22.68 0.97
N MET C 53 -3.64 23.95 0.86
CA MET C 53 -4.83 24.43 1.53
C MET C 53 -6.07 24.13 0.69
N GLY C 54 -5.92 24.10 -0.63
CA GLY C 54 -6.99 23.72 -1.52
C GLY C 54 -7.25 22.24 -1.60
N ALA C 55 -6.34 21.42 -1.08
CA ALA C 55 -6.52 19.97 -1.10
C ALA C 55 -7.37 19.47 0.05
N PHE C 56 -7.81 20.35 0.94
CA PHE C 56 -8.60 19.99 2.10
C PHE C 56 -9.69 21.05 2.29
N PRO C 57 -10.83 20.67 2.85
CA PRO C 57 -11.81 21.67 3.28
C PRO C 57 -11.17 22.69 4.22
N LEU C 58 -11.79 23.86 4.31
CA LEU C 58 -11.14 24.95 5.03
C LEU C 58 -10.98 24.65 6.50
N LYS C 59 -11.82 23.77 7.05
CA LYS C 59 -11.73 23.44 8.47
C LYS C 59 -10.82 22.26 8.75
N ASP C 60 -10.53 21.43 7.74
CA ASP C 60 -9.60 20.32 7.92
C ASP C 60 -8.15 20.73 7.69
N PHE C 61 -7.91 21.93 7.16
CA PHE C 61 -6.57 22.47 7.03
C PHE C 61 -6.19 23.37 8.20
N ILE C 62 -7.15 24.12 8.75
CA ILE C 62 -6.85 24.91 9.93
C ILE C 62 -6.60 24.00 11.13
N ARG C 63 -7.23 22.83 11.17
CA ARG C 63 -6.90 21.87 12.21
C ARG C 63 -5.55 21.20 11.93
N GLY C 64 -5.26 20.93 10.67
CA GLY C 64 -4.03 20.22 10.34
C GLY C 64 -2.79 21.09 10.39
N VAL C 65 -2.94 22.39 10.14
CA VAL C 65 -1.79 23.27 10.20
C VAL C 65 -1.61 23.83 11.59
N LEU C 66 -2.65 23.73 12.43
CA LEU C 66 -2.53 24.03 13.85
C LEU C 66 -2.29 22.79 14.68
N ALA C 67 -1.78 21.72 14.09
CA ALA C 67 -1.44 20.50 14.80
C ALA C 67 0.01 20.45 15.20
N ILE C 68 0.79 21.49 14.89
CA ILE C 68 2.16 21.55 15.39
C ILE C 68 2.19 21.75 16.88
N LYS C 69 1.17 22.40 17.45
CA LYS C 69 1.08 22.52 18.90
C LYS C 69 0.90 21.17 19.58
N LYS C 70 0.42 20.16 18.85
CA LYS C 70 0.32 18.81 19.41
C LYS C 70 1.46 17.91 18.99
N ALA C 71 2.31 18.36 18.07
CA ALA C 71 3.50 17.58 17.74
C ALA C 71 4.67 17.97 18.62
N PHE C 72 4.79 19.26 18.93
CA PHE C 72 5.88 19.71 19.79
C PHE C 72 5.59 19.43 21.25
N LEU C 73 4.56 20.08 21.80
CA LEU C 73 4.24 19.97 23.23
C LEU C 73 3.16 18.91 23.42
N TRP C 74 3.54 17.66 23.19
CA TRP C 74 2.67 16.53 23.43
C TRP C 74 3.12 15.79 24.67
N LYS C 75 2.17 15.46 25.54
CA LYS C 75 2.46 14.75 26.78
C LYS C 75 1.82 13.37 26.71
N PRO C 76 2.61 12.30 26.73
CA PRO C 76 2.06 10.98 26.47
C PRO C 76 1.12 10.55 27.57
N PRO C 77 0.04 9.85 27.24
CA PRO C 77 -0.87 9.37 28.28
C PRO C 77 -0.16 8.37 29.18
N ASP C 78 -0.13 8.67 30.48
CA ASP C 78 0.51 7.77 31.44
C ASP C 78 -0.39 6.56 31.66
N LEU C 79 0.07 5.40 31.22
CA LEU C 79 -0.71 4.18 31.34
C LEU C 79 -0.79 3.69 32.78
N ASN C 80 -0.02 4.26 33.69
CA ASN C 80 -0.14 3.93 35.10
C ASN C 80 -1.38 4.57 35.74
N ASP C 81 -2.09 5.41 34.99
CA ASP C 81 -3.35 5.98 35.45
C ASP C 81 -4.55 5.53 34.63
N VAL C 82 -4.35 5.17 33.36
CA VAL C 82 -5.43 4.57 32.59
C VAL C 82 -5.92 3.30 33.27
N ILE C 83 -5.04 2.63 34.02
CA ILE C 83 -5.44 1.44 34.75
C ILE C 83 -6.08 1.82 36.08
N GLU C 84 -5.52 2.82 36.76
CA GLU C 84 -6.03 3.22 38.07
C GLU C 84 -7.41 3.86 37.98
N THR C 85 -7.77 4.46 36.85
CA THR C 85 -9.13 4.99 36.72
C THR C 85 -10.10 3.93 36.21
N ILE C 86 -9.57 2.84 35.64
CA ILE C 86 -10.44 1.74 35.22
C ILE C 86 -10.89 0.94 36.44
N GLY C 87 -9.96 0.64 37.35
CA GLY C 87 -10.34 0.05 38.62
C GLY C 87 -10.99 1.02 39.57
N GLU C 88 -11.04 2.30 39.21
CA GLU C 88 -11.79 3.28 39.98
C GLU C 88 -13.25 3.37 39.54
N ILE C 89 -13.52 3.13 38.27
CA ILE C 89 -14.91 3.13 37.78
C ILE C 89 -15.62 1.86 38.25
N ALA C 90 -14.93 0.72 38.18
CA ALA C 90 -15.56 -0.54 38.57
C ALA C 90 -15.82 -0.59 40.07
N SER C 91 -14.86 -0.14 40.88
CA SER C 91 -15.10 -0.05 42.31
C SER C 91 -16.16 0.99 42.66
N LYS C 92 -16.42 1.94 41.75
CA LYS C 92 -17.56 2.82 41.89
C LYS C 92 -18.83 2.18 41.40
N VAL C 93 -18.71 1.16 40.54
CA VAL C 93 -19.89 0.46 40.02
C VAL C 93 -20.32 -0.66 40.96
N ARG C 94 -19.39 -1.52 41.36
CA ARG C 94 -19.76 -2.64 42.22
C ARG C 94 -20.24 -2.16 43.58
N LYS C 95 -19.82 -0.98 44.01
CA LYS C 95 -20.25 -0.45 45.29
C LYS C 95 -21.69 0.04 45.25
N GLU C 96 -21.99 0.95 44.32
CA GLU C 96 -23.29 1.61 44.26
C GLU C 96 -24.01 1.39 42.93
N GLY C 97 -23.82 0.24 42.29
CA GLY C 97 -24.53 -0.03 41.06
C GLY C 97 -24.02 0.81 39.91
N ILE C 98 -24.81 0.81 38.83
CA ILE C 98 -24.46 1.55 37.61
C ILE C 98 -25.20 2.87 37.51
N LEU C 99 -26.33 3.03 38.18
CA LEU C 99 -27.07 4.28 38.14
C LEU C 99 -26.39 5.38 38.93
N ALA C 100 -25.65 5.02 39.99
CA ALA C 100 -24.98 6.02 40.83
C ALA C 100 -23.63 6.40 40.25
N LEU C 101 -23.44 6.14 38.95
CA LEU C 101 -22.25 6.55 38.23
C LEU C 101 -22.49 7.88 37.49
N GLU C 102 -23.50 8.63 37.91
CA GLU C 102 -23.85 9.89 37.27
C GLU C 102 -23.23 11.10 37.95
N GLY C 103 -22.94 11.01 39.25
CA GLY C 103 -22.34 12.12 39.96
C GLY C 103 -20.85 12.24 39.71
N ASP C 104 -20.36 11.51 38.71
CA ASP C 104 -18.97 11.60 38.30
C ASP C 104 -18.78 11.64 36.79
N ILE C 105 -19.85 11.75 36.00
CA ILE C 105 -19.68 11.85 34.56
C ILE C 105 -18.88 13.09 34.20
N GLU C 106 -19.11 14.20 34.90
CA GLU C 106 -18.31 15.40 34.67
C GLU C 106 -16.87 15.24 35.15
N LEU C 107 -16.58 14.18 35.91
CA LEU C 107 -15.20 13.90 36.29
C LEU C 107 -14.50 13.03 35.26
N TYR C 108 -15.23 12.04 34.71
CA TYR C 108 -14.68 11.19 33.67
C TYR C 108 -14.72 11.83 32.29
N TYR C 109 -15.66 12.75 32.05
CA TYR C 109 -15.62 13.54 30.83
C TYR C 109 -14.38 14.42 30.77
N GLN C 110 -13.72 14.63 31.90
CA GLN C 110 -12.48 15.39 31.97
C GLN C 110 -11.26 14.52 31.70
N LYS C 111 -11.33 13.22 31.99
CA LYS C 111 -10.26 12.31 31.62
C LYS C 111 -10.07 12.29 30.10
N ASP C 112 -11.14 11.98 29.37
CA ASP C 112 -11.14 12.07 27.92
C ASP C 112 -12.58 12.18 27.45
N PRO C 113 -12.82 12.89 26.34
CA PRO C 113 -14.20 13.12 25.89
C PRO C 113 -14.95 11.86 25.47
N LEU C 114 -14.30 10.69 25.45
CA LEU C 114 -14.99 9.47 25.06
C LEU C 114 -15.49 8.68 26.26
N LEU C 115 -14.75 8.70 27.38
CA LEU C 115 -15.22 8.03 28.57
C LEU C 115 -16.39 8.78 29.21
N GLY C 116 -16.58 10.04 28.83
CA GLY C 116 -17.66 10.82 29.43
C GLY C 116 -18.99 10.59 28.76
N ASP C 117 -19.01 10.36 27.45
CA ASP C 117 -20.23 10.06 26.72
C ASP C 117 -20.42 8.57 26.52
N MET C 118 -19.51 7.74 27.05
CA MET C 118 -19.71 6.31 27.12
C MET C 118 -20.23 5.86 28.48
N ILE C 119 -20.04 6.67 29.51
CA ILE C 119 -20.70 6.45 30.79
C ILE C 119 -22.07 7.13 30.80
N ARG C 120 -22.21 8.26 30.09
CA ARG C 120 -23.52 8.88 29.97
C ARG C 120 -24.51 7.95 29.29
N MET C 121 -24.05 7.14 28.33
CA MET C 121 -24.89 6.11 27.75
C MET C 121 -25.05 4.93 28.70
N LEU C 122 -24.09 4.74 29.62
CA LEU C 122 -24.18 3.64 30.56
C LEU C 122 -25.24 3.91 31.62
N VAL C 123 -25.48 5.19 31.94
CA VAL C 123 -26.55 5.56 32.86
C VAL C 123 -27.91 5.55 32.19
N ASP C 124 -28.00 5.95 30.93
CA ASP C 124 -29.28 5.98 30.23
C ASP C 124 -29.89 4.59 30.06
N GLY C 125 -29.11 3.54 30.25
CA GLY C 125 -29.61 2.19 30.25
C GLY C 125 -29.50 1.44 28.93
N ILE C 126 -28.67 1.88 28.02
CA ILE C 126 -28.52 1.23 26.73
C ILE C 126 -27.79 -0.08 26.92
N ASP C 127 -28.14 -1.08 26.11
CA ASP C 127 -27.51 -2.39 26.23
C ASP C 127 -26.02 -2.28 25.95
N ILE C 128 -25.25 -3.15 26.61
CA ILE C 128 -23.79 -3.06 26.53
C ILE C 128 -23.31 -3.41 25.13
N ASN C 129 -24.13 -4.08 24.33
CA ASN C 129 -23.72 -4.40 22.96
C ASN C 129 -23.82 -3.16 22.07
N ASP C 130 -24.49 -2.11 22.53
CA ASP C 130 -24.67 -0.90 21.76
C ASP C 130 -23.79 0.25 22.23
N ILE C 131 -23.59 0.37 23.54
CA ILE C 131 -22.64 1.35 24.07
C ILE C 131 -21.23 1.10 23.56
N LYS C 132 -20.91 -0.15 23.22
CA LYS C 132 -19.64 -0.49 22.60
C LYS C 132 -19.69 -0.42 21.08
N ALA C 133 -20.87 -0.60 20.48
CA ALA C 133 -20.98 -0.59 19.03
C ALA C 133 -21.03 0.83 18.46
N THR C 134 -21.49 1.81 19.23
CA THR C 134 -21.38 3.20 18.79
C THR C 134 -20.03 3.80 19.18
N ALA C 135 -19.50 3.41 20.34
CA ALA C 135 -18.20 3.91 20.77
C ALA C 135 -17.07 3.41 19.88
N GLU C 136 -17.14 2.17 19.40
CA GLU C 136 -16.17 1.70 18.42
C GLU C 136 -16.30 2.46 17.10
N MET C 137 -17.48 2.99 16.81
CA MET C 137 -17.70 3.82 15.63
C MET C 137 -17.58 5.30 15.93
N ALA C 138 -17.71 5.71 17.19
CA ALA C 138 -17.36 7.06 17.60
C ALA C 138 -15.86 7.26 17.66
N LEU C 139 -15.11 6.18 17.82
CA LEU C 139 -13.66 6.23 17.86
C LEU C 139 -13.03 6.08 16.48
N ALA C 140 -13.51 5.13 15.67
CA ALA C 140 -12.97 4.95 14.33
C ALA C 140 -13.20 6.16 13.45
N GLN C 141 -14.16 7.02 13.80
CA GLN C 141 -14.35 8.30 13.16
C GLN C 141 -13.88 9.46 14.01
N LEU C 142 -13.21 9.17 15.12
CA LEU C 142 -12.43 10.15 15.87
C LEU C 142 -10.96 10.12 15.47
N ASP C 143 -10.51 9.04 14.83
CA ASP C 143 -9.20 9.04 14.20
C ASP C 143 -9.22 9.78 12.87
N GLU C 144 -10.33 9.70 12.13
CA GLU C 144 -10.45 10.47 10.91
C GLU C 144 -10.45 11.97 11.18
N LYS C 145 -10.59 12.37 12.43
CA LYS C 145 -10.29 13.74 12.84
C LYS C 145 -8.80 13.90 13.11
N MET C 146 -8.14 12.86 13.60
CA MET C 146 -6.72 12.90 13.87
C MET C 146 -5.88 12.53 12.65
N SER C 147 -6.38 11.66 11.78
CA SER C 147 -5.64 11.31 10.57
C SER C 147 -5.76 12.38 9.50
N THR C 148 -6.67 13.34 9.66
CA THR C 148 -6.70 14.48 8.76
C THR C 148 -5.75 15.57 9.25
N GLU C 149 -5.40 15.55 10.54
CA GLU C 149 -4.30 16.38 11.01
C GLU C 149 -2.95 15.81 10.57
N VAL C 150 -2.92 14.52 10.25
CA VAL C 150 -1.70 13.91 9.74
C VAL C 150 -1.64 14.00 8.22
N ALA C 151 -2.79 13.86 7.56
CA ALA C 151 -2.83 13.90 6.11
C ALA C 151 -2.45 15.26 5.54
N VAL C 152 -2.45 16.31 6.36
CA VAL C 152 -1.97 17.60 5.90
C VAL C 152 -0.45 17.57 5.80
N TRP C 153 0.22 17.13 6.85
CA TRP C 153 1.68 17.09 6.87
C TRP C 153 2.24 15.94 6.06
N GLU C 154 1.40 15.01 5.61
CA GLU C 154 1.81 14.10 4.56
C GLU C 154 1.44 14.61 3.18
N LYS C 155 0.75 15.75 3.11
CA LYS C 155 0.48 16.44 1.85
C LYS C 155 1.37 17.66 1.69
N LEU C 156 1.75 18.31 2.78
CA LEU C 156 2.76 19.35 2.71
C LEU C 156 4.13 18.77 2.40
N ALA C 157 4.47 17.63 3.02
CA ALA C 157 5.74 16.98 2.75
C ALA C 157 5.90 16.56 1.30
N ASP C 158 4.79 16.41 0.56
CA ASP C 158 4.82 16.09 -0.86
C ASP C 158 4.60 17.31 -1.73
N LEU C 159 4.26 18.46 -1.15
CA LEU C 159 4.07 19.69 -1.90
C LEU C 159 5.04 20.79 -1.51
N PHE C 160 5.84 20.61 -0.47
CA PHE C 160 6.96 21.52 -0.22
C PHE C 160 8.11 21.29 -1.19
N PRO C 161 8.59 20.05 -1.44
CA PRO C 161 9.69 19.89 -2.40
C PRO C 161 9.24 19.93 -3.83
N ALA C 162 8.05 19.42 -4.13
CA ALA C 162 7.52 19.42 -5.48
C ALA C 162 7.09 20.82 -5.91
N PHE C 163 7.07 21.78 -4.97
CA PHE C 163 6.97 23.18 -5.32
C PHE C 163 8.32 23.87 -5.36
N GLY C 164 9.40 23.14 -5.06
CA GLY C 164 10.72 23.62 -5.38
C GLY C 164 11.12 23.29 -6.81
N MET C 165 10.64 22.16 -7.33
CA MET C 165 10.80 21.86 -8.75
C MET C 165 10.12 22.91 -9.62
N ILE C 166 9.11 23.59 -9.09
CA ILE C 166 8.52 24.70 -9.83
C ILE C 166 9.36 25.95 -9.66
N GLY C 167 9.67 26.33 -8.42
CA GLY C 167 10.50 27.49 -8.17
C GLY C 167 11.88 27.41 -8.78
N THR C 168 12.36 26.20 -9.05
CA THR C 168 13.61 26.04 -9.79
C THR C 168 13.38 26.29 -11.28
N LEU C 169 12.49 25.51 -11.89
CA LEU C 169 12.24 25.64 -13.32
C LEU C 169 11.71 27.02 -13.71
N ILE C 170 11.07 27.73 -12.78
CA ILE C 170 10.68 29.11 -13.07
C ILE C 170 11.90 30.02 -13.04
N GLY C 171 12.84 29.74 -12.14
CA GLY C 171 14.08 30.49 -12.06
C GLY C 171 15.22 29.91 -12.86
N LEU C 172 14.97 28.80 -13.56
CA LEU C 172 15.95 28.22 -14.47
C LEU C 172 15.62 28.48 -15.94
N ILE C 173 14.33 28.67 -16.26
CA ILE C 173 13.96 29.01 -17.64
C ILE C 173 14.23 30.48 -17.90
N GLN C 174 14.04 31.34 -16.89
CA GLN C 174 14.37 32.74 -17.07
C GLN C 174 15.88 32.98 -17.18
N MET C 175 16.69 32.06 -16.66
CA MET C 175 18.13 32.20 -16.81
C MET C 175 18.61 31.76 -18.18
N LEU C 176 17.98 30.73 -18.76
CA LEU C 176 18.36 30.26 -20.08
C LEU C 176 17.87 31.18 -21.19
N ARG C 177 16.74 31.85 -21.01
CA ARG C 177 16.27 32.81 -22.00
C ARG C 177 17.12 34.07 -22.04
N ASN C 178 18.00 34.27 -21.05
CA ASN C 178 18.85 35.46 -20.97
C ASN C 178 20.29 35.04 -20.73
N LEU C 179 20.75 34.07 -21.52
CA LEU C 179 22.10 33.53 -21.37
C LEU C 179 23.15 34.33 -22.13
N ASN C 180 22.83 35.58 -22.50
CA ASN C 180 23.84 36.46 -23.10
C ASN C 180 24.96 36.73 -22.12
N ASP C 181 24.61 37.16 -20.91
CA ASP C 181 25.60 37.43 -19.87
C ASP C 181 26.29 36.12 -19.48
N PRO C 182 27.62 36.03 -19.58
CA PRO C 182 28.29 34.76 -19.29
C PRO C 182 28.41 34.50 -17.80
N SER C 183 28.45 35.56 -17.00
CA SER C 183 28.53 35.44 -15.54
C SER C 183 27.17 35.27 -14.90
N ALA C 184 26.11 35.07 -15.68
CA ALA C 184 24.78 34.86 -15.16
C ALA C 184 24.46 33.38 -14.95
N LEU C 185 25.39 32.49 -15.28
CA LEU C 185 25.17 31.07 -15.04
C LEU C 185 25.77 30.61 -13.72
N GLY C 186 26.72 31.36 -13.18
CA GLY C 186 27.29 31.05 -11.88
C GLY C 186 26.28 31.27 -10.77
N PRO C 187 25.91 32.53 -10.51
CA PRO C 187 24.86 32.78 -9.52
C PRO C 187 23.48 32.43 -10.00
N GLY C 188 23.22 32.42 -11.30
CA GLY C 188 21.89 32.09 -11.78
C GLY C 188 21.53 30.63 -11.60
N MET C 189 22.53 29.78 -11.47
CA MET C 189 22.27 28.37 -11.17
C MET C 189 22.21 28.12 -9.67
N ALA C 190 22.87 28.97 -8.88
CA ALA C 190 22.81 28.82 -7.42
C ALA C 190 21.45 29.26 -6.89
N VAL C 191 21.01 30.46 -7.29
CA VAL C 191 19.71 30.97 -6.82
C VAL C 191 18.58 30.06 -7.29
N ALA C 192 18.71 29.45 -8.46
CA ALA C 192 17.74 28.47 -8.92
C ALA C 192 17.93 27.11 -8.26
N LEU C 193 19.01 26.92 -7.51
CA LEU C 193 19.26 25.68 -6.78
C LEU C 193 18.88 25.79 -5.32
N ILE C 194 18.51 26.98 -4.85
CA ILE C 194 18.06 27.15 -3.47
C ILE C 194 16.60 26.75 -3.29
N THR C 195 15.72 27.13 -4.21
CA THR C 195 14.32 26.75 -4.12
C THR C 195 14.12 25.24 -4.09
N THR C 196 15.11 24.47 -4.52
CA THR C 196 15.09 23.02 -4.34
C THR C 196 15.63 22.62 -2.98
N LEU C 197 16.53 23.42 -2.42
CA LEU C 197 17.03 23.22 -1.06
C LEU C 197 16.01 23.64 0.00
N TYR C 198 15.30 24.75 -0.21
CA TYR C 198 14.19 25.11 0.66
C TYR C 198 13.07 24.08 0.62
N GLY C 199 13.01 23.27 -0.41
CA GLY C 199 11.98 22.25 -0.52
C GLY C 199 12.41 20.95 0.13
N ALA C 200 13.69 20.82 0.40
CA ALA C 200 14.21 19.66 1.12
C ALA C 200 14.53 19.95 2.57
N ILE C 201 14.69 21.23 2.93
CA ILE C 201 14.90 21.57 4.33
C ILE C 201 13.59 21.52 5.09
N LEU C 202 12.48 21.88 4.46
CA LEU C 202 11.16 21.89 5.09
C LEU C 202 10.48 20.53 5.01
N ALA C 203 10.41 19.95 3.82
CA ALA C 203 9.68 18.70 3.64
C ALA C 203 10.33 17.57 4.40
N ASN C 204 11.65 17.55 4.45
CA ASN C 204 12.38 16.42 5.04
C ASN C 204 12.69 16.62 6.51
N ALA C 205 12.99 17.85 6.92
CA ALA C 205 13.43 18.11 8.28
C ALA C 205 12.38 18.79 9.14
N PHE C 206 11.24 19.16 8.58
CA PHE C 206 10.23 19.85 9.38
C PHE C 206 8.84 19.26 9.22
N ALA C 207 8.46 18.81 8.03
CA ALA C 207 7.10 18.38 7.77
C ALA C 207 6.96 16.86 7.70
N ILE C 208 8.05 16.12 7.57
CA ILE C 208 8.01 14.66 7.65
C ILE C 208 8.08 14.22 9.11
N PRO C 209 8.92 14.82 9.96
CA PRO C 209 8.84 14.50 11.38
C PRO C 209 7.49 14.83 12.01
N VAL C 210 6.87 15.96 11.67
CA VAL C 210 5.57 16.28 12.24
C VAL C 210 4.50 15.36 11.68
N ALA C 211 4.67 14.91 10.44
CA ALA C 211 3.73 13.95 9.88
C ALA C 211 3.84 12.58 10.53
N ASN C 212 4.93 12.32 11.25
CA ASN C 212 5.14 11.06 11.94
C ASN C 212 5.14 11.20 13.45
N LYS C 213 5.11 12.44 13.96
CA LYS C 213 4.88 12.65 15.38
C LYS C 213 3.40 12.73 15.68
N LEU C 214 2.59 13.14 14.70
CA LEU C 214 1.14 13.13 14.85
C LEU C 214 0.55 11.76 14.55
N LYS C 215 1.34 10.85 13.96
CA LYS C 215 0.88 9.49 13.77
C LYS C 215 1.16 8.63 14.99
N LYS C 216 2.30 8.87 15.64
CA LYS C 216 2.59 8.18 16.89
C LYS C 216 1.91 8.82 18.08
N ALA C 217 1.39 10.04 17.93
CA ALA C 217 0.54 10.63 18.94
C ALA C 217 -0.92 10.25 18.76
N LYS C 218 -1.27 9.65 17.63
CA LYS C 218 -2.61 9.12 17.43
C LYS C 218 -2.70 7.69 17.96
N ASP C 219 -1.78 6.83 17.54
CA ASP C 219 -1.82 5.43 17.92
C ASP C 219 -1.65 5.21 19.41
N MET C 220 -1.03 6.17 20.13
CA MET C 220 -0.94 6.05 21.58
C MET C 220 -2.12 6.70 22.28
N GLU C 221 -2.87 7.54 21.57
CA GLU C 221 -4.09 8.12 22.11
C GLU C 221 -5.34 7.35 21.71
N VAL C 222 -5.24 6.50 20.70
CA VAL C 222 -6.32 5.58 20.37
C VAL C 222 -6.20 4.32 21.22
N LEU C 223 -4.98 3.88 21.50
CA LEU C 223 -4.77 2.72 22.36
C LEU C 223 -5.37 2.93 23.73
N VAL C 224 -5.36 4.16 24.24
CA VAL C 224 -6.02 4.44 25.51
C VAL C 224 -7.53 4.48 25.33
N LYS C 225 -8.01 5.06 24.23
CA LYS C 225 -9.43 5.03 23.95
C LYS C 225 -9.93 3.60 23.74
N THR C 226 -9.18 2.79 22.99
CA THR C 226 -9.63 1.44 22.69
C THR C 226 -9.61 0.55 23.92
N ILE C 227 -8.86 0.92 24.96
CA ILE C 227 -8.89 0.16 26.19
C ILE C 227 -10.08 0.53 27.05
N TYR C 228 -10.52 1.79 27.02
CA TYR C 228 -11.75 2.19 27.69
C TYR C 228 -12.99 1.58 27.06
N ILE C 229 -12.95 1.24 25.78
CA ILE C 229 -14.07 0.57 25.13
C ILE C 229 -14.25 -0.85 25.66
N GLU C 230 -13.15 -1.56 25.92
CA GLU C 230 -13.22 -2.89 26.51
C GLU C 230 -13.45 -2.84 28.02
N ALA C 231 -12.98 -1.80 28.69
CA ALA C 231 -13.12 -1.70 30.13
C ALA C 231 -14.52 -1.27 30.56
N ILE C 232 -15.33 -0.77 29.64
CA ILE C 232 -16.73 -0.47 29.95
C ILE C 232 -17.62 -1.66 29.66
N GLU C 233 -17.24 -2.54 28.73
CA GLU C 233 -17.95 -3.79 28.52
C GLU C 233 -17.73 -4.77 29.65
N LYS C 234 -16.50 -4.88 30.16
CA LYS C 234 -16.21 -5.77 31.27
C LYS C 234 -16.68 -5.21 32.61
N ILE C 235 -17.23 -4.00 32.63
CA ILE C 235 -17.73 -3.41 33.86
C ILE C 235 -19.24 -3.60 33.98
N GLN C 236 -19.98 -3.40 32.88
CA GLN C 236 -21.42 -3.65 32.93
C GLN C 236 -21.73 -5.10 33.21
N LYS C 237 -20.93 -6.04 32.70
CA LYS C 237 -21.11 -7.45 33.01
C LYS C 237 -20.89 -7.77 34.47
N GLY C 238 -20.34 -6.85 35.24
CA GLY C 238 -20.15 -7.04 36.67
C GLY C 238 -18.92 -7.85 37.03
N GLU C 239 -17.77 -7.49 36.47
CA GLU C 239 -16.53 -8.15 36.84
C GLU C 239 -15.88 -7.45 38.03
N ASN C 240 -14.87 -8.09 38.61
CA ASN C 240 -14.23 -7.56 39.80
C ASN C 240 -13.43 -6.31 39.44
N PRO C 241 -13.18 -5.43 40.40
CA PRO C 241 -12.27 -4.30 40.13
C PRO C 241 -10.84 -4.75 39.86
N ASN C 242 -10.42 -5.87 40.45
CA ASN C 242 -9.05 -6.36 40.31
C ASN C 242 -8.80 -7.04 38.98
N VAL C 243 -9.83 -7.58 38.33
CA VAL C 243 -9.65 -8.24 37.03
C VAL C 243 -9.63 -7.26 35.87
N VAL C 244 -10.49 -6.23 35.88
CA VAL C 244 -10.48 -5.24 34.82
C VAL C 244 -9.18 -4.42 34.84
N LYS C 245 -8.51 -4.35 35.98
CA LYS C 245 -7.16 -3.79 36.00
C LYS C 245 -6.13 -4.79 35.50
N GLN C 246 -6.33 -6.07 35.82
CA GLN C 246 -5.36 -7.09 35.41
C GLN C 246 -5.47 -7.37 33.91
N GLU C 247 -6.67 -7.33 33.36
CA GLU C 247 -6.84 -7.51 31.92
C GLU C 247 -6.48 -6.26 31.13
N ALA C 248 -6.28 -5.12 31.78
CA ALA C 248 -5.90 -3.89 31.11
C ALA C 248 -4.44 -3.52 31.30
N ALA C 249 -3.78 -4.02 32.34
CA ALA C 249 -2.34 -3.90 32.42
C ALA C 249 -1.65 -4.86 31.47
N ILE C 250 -2.28 -6.01 31.22
CA ILE C 250 -1.77 -6.95 30.24
C ILE C 250 -2.14 -6.51 28.83
N MET C 251 -3.22 -5.73 28.69
CA MET C 251 -3.63 -5.25 27.39
C MET C 251 -2.82 -4.02 26.97
N LEU C 252 -2.13 -3.38 27.91
CA LEU C 252 -1.28 -2.23 27.63
C LEU C 252 0.20 -2.55 27.75
N GLY C 253 0.58 -3.55 28.52
CA GLY C 253 1.97 -3.86 28.75
C GLY C 253 2.55 -3.23 30.01
N VAL C 254 1.72 -2.96 31.01
CA VAL C 254 2.17 -2.30 32.24
C VAL C 254 2.32 -3.34 33.33
N GLU C 255 3.40 -3.24 34.11
CA GLU C 255 3.61 -4.15 35.22
C GLU C 255 2.80 -3.72 36.44
N LEU C 256 2.25 -4.70 37.15
CA LEU C 256 1.53 -4.46 38.38
C LEU C 256 2.16 -5.24 39.53
N PRO C 257 2.08 -4.74 40.76
CA PRO C 257 2.64 -5.44 41.92
C PRO C 257 1.88 -6.71 42.24
N VAL D 5 18.12 -21.43 19.07
CA VAL D 5 18.61 -20.30 19.85
C VAL D 5 20.13 -20.35 19.96
N HIS D 6 20.82 -20.55 18.85
CA HIS D 6 22.27 -20.58 18.89
C HIS D 6 22.88 -19.23 18.54
N MET D 7 22.70 -18.78 17.30
CA MET D 7 23.20 -17.48 16.85
C MET D 7 22.76 -17.28 15.41
N ASP D 8 22.43 -16.04 15.05
CA ASP D 8 22.10 -15.73 13.66
C ASP D 8 23.18 -14.81 13.10
N VAL D 9 24.11 -15.42 12.36
CA VAL D 9 25.25 -14.70 11.78
C VAL D 9 24.85 -14.12 10.44
N GLY D 10 23.54 -14.10 10.16
CA GLY D 10 23.08 -13.60 8.88
C GLY D 10 23.25 -12.11 8.73
N THR D 11 23.17 -11.36 9.83
CA THR D 11 23.27 -9.90 9.74
C THR D 11 24.66 -9.39 10.04
N ILE D 12 25.47 -10.14 10.81
CA ILE D 12 26.84 -9.72 11.06
C ILE D 12 27.67 -9.82 9.78
N ILE D 13 27.66 -10.99 9.15
CA ILE D 13 28.39 -11.17 7.90
C ILE D 13 27.63 -10.56 6.74
N GLY D 14 26.43 -10.06 6.98
CA GLY D 14 25.67 -9.42 5.91
C GLY D 14 26.01 -7.95 5.76
N ILE D 15 26.42 -7.31 6.85
CA ILE D 15 26.75 -5.89 6.80
C ILE D 15 28.26 -5.67 6.78
N ILE D 16 29.02 -6.48 7.52
CA ILE D 16 30.48 -6.37 7.50
C ILE D 16 31.01 -6.68 6.10
N ALA D 17 30.46 -7.69 5.44
CA ALA D 17 30.86 -8.00 4.08
C ALA D 17 30.25 -7.04 3.06
N ALA D 18 29.36 -6.15 3.48
CA ALA D 18 28.90 -5.08 2.61
C ALA D 18 29.68 -3.80 2.86
N PHE D 19 30.09 -3.58 4.10
CA PHE D 19 30.97 -2.46 4.39
C PHE D 19 32.43 -2.77 4.07
N LEU D 20 32.72 -3.97 3.56
CA LEU D 20 34.05 -4.27 3.06
C LEU D 20 34.13 -4.19 1.54
N LEU D 21 33.20 -4.84 0.84
CA LEU D 21 33.15 -4.72 -0.61
C LEU D 21 32.92 -3.30 -1.07
N ILE D 22 32.39 -2.43 -0.19
CA ILE D 22 32.46 -1.01 -0.43
C ILE D 22 33.87 -0.49 -0.13
N LEU D 23 34.39 -0.81 1.06
CA LEU D 23 35.70 -0.31 1.47
C LEU D 23 36.83 -0.87 0.63
N ILE D 24 36.61 -1.98 -0.07
CA ILE D 24 37.61 -2.46 -1.02
C ILE D 24 37.57 -1.63 -2.29
N SER D 25 36.37 -1.38 -2.81
CA SER D 25 36.24 -0.59 -4.04
C SER D 25 36.72 0.85 -3.86
N ILE D 26 36.84 1.31 -2.62
CA ILE D 26 37.41 2.62 -2.37
C ILE D 26 38.94 2.53 -2.32
N LEU D 27 39.47 1.46 -1.74
CA LEU D 27 40.91 1.26 -1.70
C LEU D 27 41.47 0.85 -3.06
N ILE D 28 40.67 0.18 -3.89
CA ILE D 28 41.11 -0.13 -5.24
C ILE D 28 41.18 1.11 -6.11
N GLY D 29 40.32 2.10 -5.88
CA GLY D 29 40.38 3.33 -6.64
C GLY D 29 41.71 4.05 -6.46
N GLY D 30 42.32 3.89 -5.30
CA GLY D 30 43.65 4.43 -5.07
C GLY D 30 43.84 5.08 -3.72
N SER D 31 42.78 5.63 -3.15
CA SER D 31 42.92 6.39 -1.91
C SER D 31 41.62 6.31 -1.13
N ILE D 32 41.75 6.34 0.20
CA ILE D 32 40.61 6.40 1.10
C ILE D 32 40.48 7.76 1.77
N THR D 33 41.57 8.50 1.96
CA THR D 33 41.49 9.81 2.58
C THR D 33 40.72 10.81 1.71
N ALA D 34 40.47 10.47 0.45
CA ALA D 34 39.66 11.33 -0.39
C ALA D 34 38.17 11.14 -0.14
N PHE D 35 37.79 10.06 0.54
CA PHE D 35 36.39 9.80 0.86
C PHE D 35 36.04 10.15 2.29
N ILE D 36 37.02 10.48 3.13
CA ILE D 36 36.74 10.90 4.49
C ILE D 36 36.50 12.40 4.50
N ASN D 37 35.28 12.81 4.84
CA ASN D 37 34.89 14.22 4.86
C ASN D 37 34.10 14.46 6.13
N VAL D 38 34.76 15.01 7.15
CA VAL D 38 34.20 15.11 8.49
C VAL D 38 33.01 16.06 8.57
N PRO D 39 33.03 17.25 7.93
CA PRO D 39 31.86 18.13 8.04
C PRO D 39 30.67 17.64 7.24
N SER D 40 30.74 16.43 6.71
CA SER D 40 29.61 15.79 6.06
C SER D 40 29.21 14.48 6.73
N ILE D 41 29.90 14.07 7.79
CA ILE D 41 29.42 12.96 8.59
C ILE D 41 28.48 13.45 9.68
N PHE D 42 28.49 14.75 9.96
CA PHE D 42 27.59 15.32 10.96
C PHE D 42 26.27 15.76 10.36
N ILE D 43 26.14 15.80 9.05
CA ILE D 43 24.87 16.18 8.44
C ILE D 43 24.07 14.96 8.01
N VAL D 44 24.75 13.89 7.59
CA VAL D 44 24.06 12.67 7.21
C VAL D 44 23.75 11.82 8.43
N VAL D 45 24.71 11.67 9.34
CA VAL D 45 24.47 10.91 10.57
C VAL D 45 23.89 11.80 11.65
N GLY D 46 24.48 12.97 11.86
CA GLY D 46 23.98 13.88 12.87
C GLY D 46 22.63 14.48 12.51
N GLY D 47 22.35 14.63 11.23
CA GLY D 47 21.07 15.14 10.80
C GLY D 47 20.03 14.04 10.68
N GLY D 48 20.37 12.96 9.97
CA GLY D 48 19.42 11.89 9.75
C GLY D 48 18.95 11.23 11.03
N MET D 49 19.72 11.34 12.11
CA MET D 49 19.30 10.77 13.38
C MET D 49 18.62 11.81 14.26
N ALA D 50 18.94 13.08 14.10
CA ALA D 50 18.27 14.11 14.88
C ALA D 50 16.93 14.48 14.25
N ALA D 51 16.90 14.63 12.92
CA ALA D 51 15.65 14.87 12.21
C ALA D 51 14.74 13.65 12.19
N ALA D 52 15.21 12.52 12.72
CA ALA D 52 14.37 11.35 12.95
C ALA D 52 14.14 11.09 14.43
N MET D 53 14.69 11.92 15.31
CA MET D 53 14.29 11.90 16.71
C MET D 53 12.98 12.63 16.90
N GLY D 54 12.73 13.65 16.08
CA GLY D 54 11.49 14.39 16.11
C GLY D 54 10.33 13.72 15.42
N ALA D 55 10.60 12.66 14.66
CA ALA D 55 9.54 11.90 14.02
C ALA D 55 8.93 10.85 14.94
N PHE D 56 9.41 10.73 16.17
CA PHE D 56 8.91 9.78 17.15
C PHE D 56 8.95 10.43 18.52
N PRO D 57 8.20 9.90 19.47
CA PRO D 57 8.40 10.30 20.87
C PRO D 57 9.81 9.95 21.32
N LEU D 58 10.12 10.33 22.56
CA LEU D 58 11.49 10.11 23.04
C LEU D 58 11.71 8.66 23.45
N LYS D 59 10.67 7.99 23.95
CA LYS D 59 10.84 6.60 24.39
C LYS D 59 10.67 5.60 23.25
N ASP D 60 10.12 6.03 22.11
CA ASP D 60 10.01 5.16 20.95
C ASP D 60 11.20 5.28 20.01
N PHE D 61 12.04 6.31 20.19
CA PHE D 61 13.28 6.45 19.44
C PHE D 61 14.48 5.92 20.20
N ILE D 62 14.60 6.22 21.49
CA ILE D 62 15.66 5.62 22.29
C ILE D 62 15.54 4.11 22.30
N ARG D 63 14.32 3.58 22.39
CA ARG D 63 14.13 2.15 22.36
C ARG D 63 14.31 1.59 20.95
N GLY D 64 14.01 2.39 19.93
CA GLY D 64 14.09 1.90 18.57
C GLY D 64 15.48 1.91 17.98
N VAL D 65 16.40 2.67 18.59
CA VAL D 65 17.79 2.67 18.13
C VAL D 65 18.60 1.65 18.92
N LEU D 66 18.30 1.47 20.20
CA LEU D 66 18.87 0.36 20.95
C LEU D 66 18.31 -0.98 20.53
N ALA D 67 17.45 -1.01 19.51
CA ALA D 67 16.98 -2.26 18.92
C ALA D 67 17.84 -2.71 17.75
N ILE D 68 19.00 -2.07 17.56
CA ILE D 68 19.99 -2.59 16.62
C ILE D 68 20.76 -3.74 17.26
N LYS D 69 20.66 -3.91 18.58
CA LYS D 69 21.20 -5.09 19.22
C LYS D 69 20.37 -6.33 18.92
N LYS D 70 19.10 -6.16 18.54
CA LYS D 70 18.27 -7.30 18.17
C LYS D 70 18.38 -7.62 16.69
N ALA D 71 19.10 -6.83 15.91
CA ALA D 71 19.37 -7.18 14.53
C ALA D 71 20.63 -8.04 14.43
N PHE D 72 21.71 -7.61 15.08
CA PHE D 72 22.98 -8.31 14.96
C PHE D 72 22.97 -9.63 15.73
N LEU D 73 22.84 -9.55 17.06
CA LEU D 73 22.86 -10.74 17.91
C LEU D 73 21.43 -11.15 18.24
N TRP D 74 20.78 -11.77 17.27
CA TRP D 74 19.45 -12.33 17.42
C TRP D 74 19.53 -13.84 17.35
N LYS D 75 18.74 -14.52 18.19
CA LYS D 75 18.70 -15.97 18.18
C LYS D 75 17.26 -16.43 17.97
N PRO D 76 16.97 -17.13 16.87
CA PRO D 76 15.59 -17.46 16.56
C PRO D 76 15.02 -18.42 17.58
N PRO D 77 13.72 -18.35 17.87
CA PRO D 77 13.13 -19.26 18.86
C PRO D 77 13.09 -20.68 18.31
N ASP D 78 13.66 -21.61 19.08
CA ASP D 78 13.72 -23.01 18.65
C ASP D 78 12.32 -23.59 18.67
N LEU D 79 11.76 -23.87 17.49
CA LEU D 79 10.41 -24.39 17.40
C LEU D 79 10.29 -25.82 17.90
N ASN D 80 11.39 -26.44 18.32
CA ASN D 80 11.32 -27.74 18.98
C ASN D 80 11.17 -27.63 20.48
N ASP D 81 11.26 -26.42 21.04
CA ASP D 81 10.94 -26.19 22.44
C ASP D 81 9.64 -25.42 22.64
N VAL D 82 9.15 -24.75 21.60
CA VAL D 82 7.78 -24.25 21.64
C VAL D 82 6.81 -25.42 21.70
N ILE D 83 7.15 -26.53 21.06
CA ILE D 83 6.29 -27.72 21.11
C ILE D 83 6.47 -28.46 22.42
N GLU D 84 7.72 -28.69 22.84
CA GLU D 84 7.97 -29.39 24.09
C GLU D 84 7.57 -28.58 25.31
N THR D 85 7.13 -27.33 25.13
CA THR D 85 6.52 -26.59 26.22
C THR D 85 5.02 -26.84 26.27
N ILE D 86 4.36 -26.79 25.12
CA ILE D 86 2.93 -27.06 25.06
C ILE D 86 2.62 -28.48 25.50
N GLY D 87 3.48 -29.43 25.14
CA GLY D 87 3.33 -30.79 25.64
C GLY D 87 3.73 -30.95 27.09
N GLU D 88 4.28 -29.90 27.70
CA GLU D 88 4.63 -29.94 29.11
C GLU D 88 3.59 -29.22 29.96
N ILE D 89 2.89 -28.25 29.39
CA ILE D 89 1.79 -27.60 30.09
C ILE D 89 0.56 -28.50 30.08
N ALA D 90 0.24 -29.07 28.92
CA ALA D 90 -0.94 -29.93 28.81
C ALA D 90 -0.77 -31.20 29.62
N SER D 91 0.44 -31.78 29.63
CA SER D 91 0.70 -32.92 30.48
C SER D 91 0.62 -32.56 31.96
N LYS D 92 0.85 -31.29 32.30
CA LYS D 92 0.72 -30.84 33.68
C LYS D 92 -0.72 -30.45 34.01
N VAL D 93 -1.49 -30.00 33.01
CA VAL D 93 -2.89 -29.71 33.23
C VAL D 93 -3.70 -31.00 33.38
N ARG D 94 -3.36 -32.04 32.61
CA ARG D 94 -4.11 -33.28 32.70
C ARG D 94 -3.82 -34.03 33.99
N LYS D 95 -2.62 -33.87 34.53
CA LYS D 95 -2.26 -34.54 35.77
C LYS D 95 -2.79 -33.80 37.00
N GLU D 96 -2.35 -32.56 37.19
CA GLU D 96 -2.64 -31.80 38.40
C GLU D 96 -3.76 -30.79 38.22
N GLY D 97 -4.40 -30.75 37.07
CA GLY D 97 -5.43 -29.76 36.85
C GLY D 97 -4.87 -28.39 36.55
N ILE D 98 -5.71 -27.38 36.75
CA ILE D 98 -5.33 -25.99 36.51
C ILE D 98 -4.85 -25.31 37.79
N LEU D 99 -5.53 -25.54 38.91
CA LEU D 99 -5.24 -24.85 40.15
C LEU D 99 -3.84 -25.12 40.68
N ALA D 100 -3.18 -26.18 40.21
CA ALA D 100 -1.84 -26.54 40.67
C ALA D 100 -0.76 -26.03 39.70
N LEU D 101 -0.98 -24.85 39.12
CA LEU D 101 -0.01 -24.25 38.21
C LEU D 101 0.58 -22.96 38.78
N GLU D 102 0.30 -22.66 40.05
CA GLU D 102 0.84 -21.44 40.65
C GLU D 102 2.35 -21.53 40.84
N GLY D 103 2.87 -22.72 41.14
CA GLY D 103 4.29 -22.88 41.38
C GLY D 103 5.16 -22.85 40.15
N ASP D 104 4.57 -22.79 38.96
CA ASP D 104 5.31 -22.83 37.71
C ASP D 104 5.12 -21.58 36.87
N ILE D 105 4.39 -20.59 37.37
CA ILE D 105 4.16 -19.39 36.58
C ILE D 105 5.47 -18.68 36.27
N GLU D 106 6.35 -18.54 37.26
CA GLU D 106 7.64 -17.93 37.01
C GLU D 106 8.50 -18.74 36.07
N LEU D 107 8.28 -20.07 36.00
CA LEU D 107 9.07 -20.90 35.10
C LEU D 107 8.76 -20.59 33.65
N TYR D 108 7.47 -20.42 33.31
CA TYR D 108 7.10 -20.05 31.95
C TYR D 108 7.27 -18.56 31.69
N TYR D 109 7.27 -17.74 32.74
CA TYR D 109 7.51 -16.32 32.56
C TYR D 109 8.91 -16.03 32.04
N GLN D 110 9.84 -16.97 32.18
CA GLN D 110 11.18 -16.83 31.62
C GLN D 110 11.23 -17.17 30.14
N LYS D 111 10.36 -18.08 29.69
CA LYS D 111 10.28 -18.38 28.26
C LYS D 111 9.90 -17.14 27.47
N ASP D 112 8.73 -16.58 27.76
CA ASP D 112 8.28 -15.31 27.20
C ASP D 112 7.29 -14.70 28.16
N PRO D 113 7.23 -13.37 28.25
CA PRO D 113 6.37 -12.73 29.26
C PRO D 113 4.89 -13.00 29.05
N LEU D 114 4.45 -13.38 27.86
CA LEU D 114 3.03 -13.57 27.60
C LEU D 114 2.52 -14.88 28.17
N LEU D 115 3.27 -15.97 28.01
CA LEU D 115 2.84 -17.24 28.58
C LEU D 115 2.80 -17.18 30.11
N GLY D 116 3.53 -16.25 30.70
CA GLY D 116 3.55 -16.15 32.16
C GLY D 116 2.33 -15.45 32.73
N ASP D 117 1.79 -14.47 32.02
CA ASP D 117 0.58 -13.77 32.45
C ASP D 117 -0.65 -14.21 31.66
N MET D 118 -0.50 -15.18 30.76
CA MET D 118 -1.65 -15.88 30.20
C MET D 118 -1.97 -17.17 30.95
N ILE D 119 -1.03 -17.65 31.76
CA ILE D 119 -1.33 -18.70 32.73
C ILE D 119 -1.81 -18.08 34.04
N ARG D 120 -1.31 -16.89 34.40
CA ARG D 120 -1.84 -16.17 35.54
C ARG D 120 -3.32 -15.88 35.36
N MET D 121 -3.71 -15.41 34.18
CA MET D 121 -5.13 -15.24 33.88
C MET D 121 -5.86 -16.58 33.83
N LEU D 122 -5.12 -17.65 33.60
CA LEU D 122 -5.74 -18.98 33.56
C LEU D 122 -5.93 -19.54 34.97
N VAL D 123 -4.92 -19.40 35.83
CA VAL D 123 -5.04 -19.82 37.22
C VAL D 123 -6.07 -19.02 37.98
N ASP D 124 -6.23 -17.73 37.68
CA ASP D 124 -7.22 -16.91 38.36
C ASP D 124 -8.64 -17.39 38.09
N GLY D 125 -8.88 -18.09 37.00
CA GLY D 125 -10.18 -18.62 36.68
C GLY D 125 -11.02 -17.80 35.73
N ILE D 126 -10.41 -17.00 34.86
CA ILE D 126 -11.14 -16.19 33.90
C ILE D 126 -11.55 -17.06 32.72
N ASP D 127 -12.73 -16.79 32.17
CA ASP D 127 -13.23 -17.57 31.05
C ASP D 127 -12.34 -17.39 29.82
N ILE D 128 -12.24 -18.46 29.02
CA ILE D 128 -11.34 -18.47 27.89
C ILE D 128 -11.64 -17.38 26.86
N ASN D 129 -12.90 -16.96 26.77
CA ASN D 129 -13.24 -15.88 25.86
C ASN D 129 -12.69 -14.53 26.30
N ASP D 130 -12.10 -14.46 27.50
CA ASP D 130 -11.40 -13.27 27.95
C ASP D 130 -9.90 -13.46 28.06
N ILE D 131 -9.43 -14.70 28.17
CA ILE D 131 -7.99 -14.95 28.14
C ILE D 131 -7.48 -14.89 26.71
N LYS D 132 -8.21 -15.51 25.78
CA LYS D 132 -7.78 -15.50 24.39
C LYS D 132 -8.03 -14.15 23.74
N ALA D 133 -9.14 -13.49 24.09
CA ALA D 133 -9.46 -12.21 23.49
C ALA D 133 -8.64 -11.05 24.05
N THR D 134 -7.98 -11.24 25.19
CA THR D 134 -7.07 -10.23 25.71
C THR D 134 -5.65 -10.46 25.21
N ALA D 135 -5.17 -11.70 25.25
CA ALA D 135 -3.85 -12.00 24.73
C ALA D 135 -3.76 -11.78 23.22
N GLU D 136 -4.87 -11.93 22.50
CA GLU D 136 -4.89 -11.52 21.10
C GLU D 136 -4.83 -10.01 20.96
N MET D 137 -5.15 -9.29 22.03
CA MET D 137 -5.03 -7.84 22.02
C MET D 137 -3.78 -7.37 22.74
N ALA D 138 -3.26 -8.19 23.66
CA ALA D 138 -1.94 -7.90 24.23
C ALA D 138 -0.85 -8.09 23.20
N LEU D 139 -0.97 -9.13 22.36
CA LEU D 139 0.03 -9.35 21.31
C LEU D 139 -0.13 -8.35 20.18
N ALA D 140 -1.38 -8.09 19.75
CA ALA D 140 -1.61 -7.15 18.66
C ALA D 140 -1.10 -5.75 18.99
N GLN D 141 -0.98 -5.42 20.28
CA GLN D 141 -0.37 -4.19 20.73
C GLN D 141 0.99 -4.42 21.37
N LEU D 142 1.53 -5.63 21.26
CA LEU D 142 2.94 -5.87 21.55
C LEU D 142 3.80 -5.76 20.31
N ASP D 143 3.19 -5.84 19.12
CA ASP D 143 3.91 -5.59 17.89
C ASP D 143 4.11 -4.11 17.62
N GLU D 144 3.21 -3.26 18.13
CA GLU D 144 3.44 -1.83 18.02
C GLU D 144 4.62 -1.40 18.87
N LYS D 145 5.09 -2.25 19.78
CA LYS D 145 6.39 -2.07 20.37
C LYS D 145 7.50 -2.55 19.44
N MET D 146 7.20 -3.53 18.59
CA MET D 146 8.17 -4.07 17.65
C MET D 146 8.07 -3.42 16.28
N SER D 147 6.88 -3.04 15.85
CA SER D 147 6.73 -2.34 14.57
C SER D 147 7.13 -0.88 14.67
N THR D 148 7.48 -0.40 15.87
CA THR D 148 8.12 0.90 15.98
C THR D 148 9.63 0.78 15.85
N GLU D 149 10.21 -0.26 16.45
CA GLU D 149 11.63 -0.53 16.26
C GLU D 149 11.97 -0.69 14.78
N VAL D 150 11.00 -1.13 13.98
CA VAL D 150 11.20 -1.17 12.54
C VAL D 150 10.92 0.18 11.91
N ALA D 151 9.87 0.86 12.36
CA ALA D 151 9.49 2.15 11.79
C ALA D 151 10.55 3.21 12.02
N VAL D 152 11.48 3.01 12.95
CA VAL D 152 12.60 3.94 13.09
C VAL D 152 13.62 3.71 11.98
N TRP D 153 14.12 2.47 11.88
CA TRP D 153 15.11 2.15 10.87
C TRP D 153 14.53 2.15 9.45
N GLU D 154 13.21 2.22 9.31
CA GLU D 154 12.63 2.52 8.01
C GLU D 154 12.42 4.02 7.80
N LYS D 155 12.41 4.80 8.88
CA LYS D 155 12.40 6.25 8.79
C LYS D 155 13.82 6.81 8.69
N LEU D 156 14.80 6.12 9.29
CA LEU D 156 16.19 6.50 9.08
C LEU D 156 16.64 6.16 7.66
N ALA D 157 16.22 5.01 7.15
CA ALA D 157 16.57 4.64 5.78
C ALA D 157 15.96 5.57 4.75
N ASP D 158 14.96 6.37 5.13
CA ASP D 158 14.40 7.39 4.27
C ASP D 158 14.92 8.78 4.60
N LEU D 159 15.61 8.94 5.73
CA LEU D 159 16.16 10.23 6.12
C LEU D 159 17.68 10.27 6.06
N PHE D 160 18.36 9.14 6.08
CA PHE D 160 19.80 9.13 5.84
C PHE D 160 20.17 9.58 4.42
N PRO D 161 19.52 9.11 3.35
CA PRO D 161 19.93 9.56 2.01
C PRO D 161 19.32 10.88 1.60
N ALA D 162 18.17 11.24 2.17
CA ALA D 162 17.51 12.51 1.87
C ALA D 162 17.99 13.64 2.77
N PHE D 163 18.89 13.34 3.71
CA PHE D 163 19.65 14.36 4.42
C PHE D 163 21.06 14.50 3.88
N GLY D 164 21.47 13.61 2.97
CA GLY D 164 22.68 13.86 2.21
C GLY D 164 22.42 14.69 0.98
N MET D 165 21.23 14.57 0.40
CA MET D 165 20.83 15.47 -0.68
C MET D 165 20.71 16.90 -0.19
N ILE D 166 20.52 17.10 1.11
CA ILE D 166 20.64 18.44 1.68
C ILE D 166 22.11 18.77 1.90
N GLY D 167 22.90 17.78 2.32
CA GLY D 167 24.34 17.98 2.43
C GLY D 167 25.01 18.28 1.11
N THR D 168 24.42 17.84 0.00
CA THR D 168 24.92 18.22 -1.32
C THR D 168 24.55 19.65 -1.65
N LEU D 169 23.25 19.95 -1.67
CA LEU D 169 22.76 21.27 -2.08
C LEU D 169 23.28 22.38 -1.18
N ILE D 170 23.86 22.06 -0.04
CA ILE D 170 24.49 23.09 0.78
C ILE D 170 25.93 23.30 0.36
N GLY D 171 26.62 22.23 -0.02
CA GLY D 171 27.96 22.32 -0.54
C GLY D 171 28.06 22.48 -2.02
N LEU D 172 26.97 22.21 -2.74
CA LEU D 172 26.90 22.44 -4.18
C LEU D 172 26.45 23.85 -4.53
N ILE D 173 26.04 24.64 -3.54
CA ILE D 173 25.69 26.04 -3.79
C ILE D 173 26.84 26.95 -3.39
N GLN D 174 27.49 26.65 -2.26
CA GLN D 174 28.69 27.40 -1.88
C GLN D 174 29.75 27.35 -2.96
N MET D 175 29.84 26.24 -3.72
CA MET D 175 30.78 26.15 -4.83
C MET D 175 30.34 27.01 -6.01
N LEU D 176 29.04 27.06 -6.30
CA LEU D 176 28.54 27.87 -7.41
C LEU D 176 28.54 29.35 -7.09
N ARG D 177 28.59 29.73 -5.82
CA ARG D 177 28.68 31.14 -5.46
C ARG D 177 30.02 31.71 -5.85
N ASN D 178 31.10 30.97 -5.61
CA ASN D 178 32.46 31.43 -5.86
C ASN D 178 33.08 30.53 -6.93
N LEU D 179 32.84 30.87 -8.20
CA LEU D 179 33.42 30.16 -9.32
C LEU D 179 34.58 30.92 -9.95
N ASN D 180 35.22 31.81 -9.19
CA ASN D 180 36.39 32.52 -9.69
C ASN D 180 37.54 31.57 -10.00
N ASP D 181 37.66 30.50 -9.21
CA ASP D 181 38.73 29.53 -9.40
C ASP D 181 38.21 28.35 -10.22
N PRO D 182 38.80 28.05 -11.37
CA PRO D 182 38.37 26.86 -12.13
C PRO D 182 38.84 25.56 -11.49
N SER D 183 39.77 25.60 -10.53
CA SER D 183 40.20 24.43 -9.79
C SER D 183 39.29 24.10 -8.62
N ALA D 184 38.22 24.87 -8.43
CA ALA D 184 37.24 24.60 -7.38
C ALA D 184 35.97 23.96 -7.93
N LEU D 185 35.91 23.69 -9.23
CA LEU D 185 34.77 23.02 -9.82
C LEU D 185 34.93 21.51 -9.83
N GLY D 186 36.15 21.01 -10.01
CA GLY D 186 36.39 19.59 -9.94
C GLY D 186 36.30 19.06 -8.53
N PRO D 187 37.28 19.40 -7.68
CA PRO D 187 37.25 18.93 -6.29
C PRO D 187 36.07 19.45 -5.49
N GLY D 188 35.46 20.57 -5.89
CA GLY D 188 34.27 21.04 -5.22
C GLY D 188 33.04 20.22 -5.57
N MET D 189 33.02 19.63 -6.76
CA MET D 189 31.93 18.75 -7.15
C MET D 189 32.06 17.38 -6.50
N ALA D 190 33.27 17.01 -6.05
CA ALA D 190 33.46 15.73 -5.40
C ALA D 190 33.06 15.79 -3.92
N VAL D 191 33.51 16.83 -3.22
CA VAL D 191 33.15 16.99 -1.81
C VAL D 191 31.64 17.12 -1.63
N ALA D 192 30.98 17.83 -2.54
CA ALA D 192 29.52 17.89 -2.52
C ALA D 192 28.90 16.61 -3.06
N LEU D 193 29.69 15.68 -3.56
CA LEU D 193 29.19 14.39 -4.03
C LEU D 193 29.48 13.28 -3.03
N ILE D 194 30.20 13.57 -1.95
CA ILE D 194 30.47 12.57 -0.93
C ILE D 194 29.29 12.46 0.03
N THR D 195 28.73 13.59 0.45
CA THR D 195 27.57 13.56 1.32
C THR D 195 26.39 12.86 0.66
N THR D 196 26.41 12.74 -0.68
CA THR D 196 25.44 11.88 -1.35
C THR D 196 25.85 10.43 -1.26
N LEU D 197 27.15 10.15 -1.22
CA LEU D 197 27.62 8.77 -1.07
C LEU D 197 27.36 8.27 0.35
N TYR D 198 27.65 9.10 1.36
CA TYR D 198 27.34 8.73 2.74
C TYR D 198 25.86 8.49 2.92
N GLY D 199 25.02 9.18 2.15
CA GLY D 199 23.59 8.97 2.27
C GLY D 199 23.13 7.62 1.77
N ALA D 200 23.83 7.06 0.79
CA ALA D 200 23.46 5.76 0.25
C ALA D 200 24.23 4.61 0.87
N ILE D 201 25.40 4.87 1.48
CA ILE D 201 26.14 3.80 2.13
C ILE D 201 25.48 3.42 3.44
N LEU D 202 24.90 4.39 4.14
CA LEU D 202 24.25 4.10 5.41
C LEU D 202 22.82 3.61 5.21
N ALA D 203 22.03 4.35 4.44
CA ALA D 203 20.62 4.01 4.27
C ALA D 203 20.43 2.66 3.60
N ASN D 204 21.28 2.35 2.63
CA ASN D 204 21.03 1.19 1.77
C ASN D 204 21.89 0.00 2.15
N ALA D 205 23.03 0.21 2.81
CA ALA D 205 23.89 -0.89 3.19
C ALA D 205 23.91 -1.15 4.69
N PHE D 206 23.36 -0.25 5.49
CA PHE D 206 23.38 -0.42 6.93
C PHE D 206 22.01 -0.24 7.58
N ALA D 207 21.21 0.71 7.12
CA ALA D 207 19.97 1.06 7.78
C ALA D 207 18.75 0.33 7.23
N ILE D 208 18.85 -0.26 6.05
CA ILE D 208 17.77 -1.08 5.52
C ILE D 208 17.85 -2.50 6.06
N PRO D 209 19.01 -3.17 6.04
CA PRO D 209 19.06 -4.52 6.65
C PRO D 209 18.70 -4.53 8.13
N VAL D 210 19.07 -3.50 8.88
CA VAL D 210 18.67 -3.44 10.28
C VAL D 210 17.18 -3.12 10.39
N ALA D 211 16.61 -2.55 9.34
CA ALA D 211 15.17 -2.32 9.30
C ALA D 211 14.40 -3.54 8.85
N ASN D 212 15.07 -4.57 8.33
CA ASN D 212 14.42 -5.77 7.82
C ASN D 212 14.75 -7.02 8.62
N LYS D 213 15.92 -7.06 9.27
CA LYS D 213 16.13 -8.10 10.27
C LYS D 213 15.26 -7.85 11.48
N LEU D 214 14.79 -6.62 11.67
CA LEU D 214 13.85 -6.29 12.72
C LEU D 214 12.41 -6.62 12.33
N LYS D 215 12.14 -6.80 11.04
CA LYS D 215 10.80 -7.18 10.59
C LYS D 215 10.64 -8.68 10.56
N LYS D 216 11.72 -9.41 10.24
CA LYS D 216 11.71 -10.86 10.31
C LYS D 216 11.96 -11.36 11.72
N ALA D 217 12.37 -10.48 12.64
CA ALA D 217 12.41 -10.80 14.05
C ALA D 217 11.05 -10.62 14.72
N LYS D 218 10.23 -9.73 14.21
CA LYS D 218 8.87 -9.58 14.72
C LYS D 218 7.98 -10.69 14.19
N ASP D 219 7.92 -10.85 12.87
CA ASP D 219 7.06 -11.86 12.26
C ASP D 219 7.39 -13.27 12.73
N MET D 220 8.62 -13.51 13.22
CA MET D 220 8.97 -14.82 13.74
C MET D 220 8.69 -14.93 15.23
N GLU D 221 8.88 -13.84 15.98
CA GLU D 221 8.58 -13.85 17.40
C GLU D 221 7.13 -13.55 17.70
N VAL D 222 6.33 -13.26 16.68
CA VAL D 222 4.88 -13.19 16.87
C VAL D 222 4.24 -14.53 16.55
N LEU D 223 4.76 -15.25 15.55
CA LEU D 223 4.28 -16.59 15.26
C LEU D 223 4.38 -17.50 16.47
N VAL D 224 5.42 -17.32 17.29
CA VAL D 224 5.54 -18.12 18.51
C VAL D 224 4.49 -17.69 19.54
N LYS D 225 4.30 -16.38 19.72
CA LYS D 225 3.27 -15.91 20.64
C LYS D 225 1.88 -16.27 20.16
N THR D 226 1.67 -16.31 18.83
CA THR D 226 0.34 -16.59 18.32
C THR D 226 -0.05 -18.05 18.50
N ILE D 227 0.89 -18.88 18.93
CA ILE D 227 0.57 -20.28 19.19
C ILE D 227 0.17 -20.47 20.64
N TYR D 228 0.95 -19.97 21.58
CA TYR D 228 0.57 -20.02 22.98
C TYR D 228 -0.84 -19.47 23.19
N ILE D 229 -1.23 -18.48 22.39
CA ILE D 229 -2.60 -17.99 22.42
C ILE D 229 -3.56 -19.08 21.98
N GLU D 230 -3.18 -19.88 20.99
CA GLU D 230 -4.01 -21.01 20.56
C GLU D 230 -3.76 -22.26 21.38
N ALA D 231 -2.52 -22.49 21.83
CA ALA D 231 -2.20 -23.71 22.55
C ALA D 231 -2.79 -23.71 23.95
N ILE D 232 -3.34 -22.56 24.39
CA ILE D 232 -4.02 -22.54 25.68
C ILE D 232 -5.52 -22.74 25.50
N GLU D 233 -6.11 -22.19 24.43
CA GLU D 233 -7.52 -22.42 24.16
C GLU D 233 -7.82 -23.90 24.03
N LYS D 234 -6.85 -24.68 23.57
CA LYS D 234 -7.00 -26.13 23.48
C LYS D 234 -6.57 -26.84 24.75
N ILE D 235 -5.89 -26.15 25.67
CA ILE D 235 -5.41 -26.80 26.89
C ILE D 235 -6.46 -26.75 27.99
N GLN D 236 -7.18 -25.63 28.10
CA GLN D 236 -8.22 -25.55 29.10
C GLN D 236 -9.42 -26.43 28.77
N LYS D 237 -9.70 -26.67 27.49
CA LYS D 237 -10.80 -27.55 27.11
C LYS D 237 -10.55 -29.01 27.43
N GLY D 238 -9.44 -29.33 28.09
CA GLY D 238 -9.16 -30.69 28.49
C GLY D 238 -8.75 -31.60 27.35
N GLU D 239 -8.09 -31.07 26.34
CA GLU D 239 -7.64 -31.89 25.23
C GLU D 239 -6.41 -32.70 25.65
N ASN D 240 -6.12 -33.73 24.86
CA ASN D 240 -4.99 -34.60 25.16
C ASN D 240 -3.69 -33.84 24.95
N PRO D 241 -2.64 -34.15 25.71
CA PRO D 241 -1.35 -33.51 25.45
C PRO D 241 -0.79 -33.79 24.07
N ASN D 242 -0.92 -35.04 23.59
CA ASN D 242 -0.35 -35.41 22.30
C ASN D 242 -1.10 -34.84 21.11
N VAL D 243 -2.26 -34.21 21.34
CA VAL D 243 -2.98 -33.53 20.27
C VAL D 243 -2.57 -32.07 20.14
N VAL D 244 -2.36 -31.36 21.24
CA VAL D 244 -1.93 -29.96 21.15
C VAL D 244 -0.53 -29.84 20.58
N LYS D 245 0.30 -30.87 20.72
CA LYS D 245 1.59 -30.88 20.03
C LYS D 245 1.42 -31.22 18.56
N GLN D 246 0.50 -32.14 18.24
CA GLN D 246 0.28 -32.49 16.84
C GLN D 246 -0.35 -31.33 16.07
N GLU D 247 -1.19 -30.54 16.72
CA GLU D 247 -1.80 -29.39 16.08
C GLU D 247 -0.91 -28.15 16.11
N ALA D 248 0.13 -28.14 16.94
CA ALA D 248 1.10 -27.06 16.94
C ALA D 248 2.32 -27.36 16.10
N ALA D 249 2.70 -28.64 15.97
CA ALA D 249 3.76 -29.00 15.05
C ALA D 249 3.33 -28.82 13.60
N ILE D 250 2.02 -28.80 13.34
CA ILE D 250 1.51 -28.58 12.00
C ILE D 250 1.35 -27.10 11.70
N MET D 251 1.04 -26.28 12.69
CA MET D 251 1.04 -24.83 12.53
C MET D 251 2.44 -24.24 12.45
N LEU D 252 3.47 -25.08 12.41
CA LEU D 252 4.85 -24.64 12.35
C LEU D 252 5.69 -25.35 11.31
N GLY D 253 5.21 -26.46 10.74
CA GLY D 253 6.02 -27.22 9.80
C GLY D 253 7.14 -28.01 10.45
N VAL D 254 7.00 -28.35 11.72
CA VAL D 254 8.03 -29.11 12.43
C VAL D 254 7.64 -30.59 12.43
N GLU D 255 8.65 -31.45 12.38
CA GLU D 255 8.41 -32.89 12.38
C GLU D 255 8.22 -33.40 13.80
N LEU D 256 7.39 -34.45 13.93
CA LEU D 256 7.21 -35.18 15.17
C LEU D 256 7.53 -36.66 14.95
N PRO D 257 8.51 -37.21 15.67
CA PRO D 257 8.84 -38.64 15.55
C PRO D 257 7.84 -39.53 16.30
N VAL E 5 2.14 -32.49 -16.06
CA VAL E 5 2.63 -31.19 -16.50
C VAL E 5 4.11 -31.25 -16.82
N HIS E 6 4.50 -30.62 -17.93
CA HIS E 6 5.89 -30.67 -18.37
C HIS E 6 6.76 -29.69 -17.60
N MET E 7 6.52 -28.40 -17.78
CA MET E 7 7.30 -27.35 -17.16
C MET E 7 6.73 -26.01 -17.59
N ASP E 8 7.21 -24.94 -16.94
CA ASP E 8 6.85 -23.59 -17.34
C ASP E 8 8.09 -22.94 -17.97
N VAL E 9 8.10 -22.94 -19.31
CA VAL E 9 9.22 -22.43 -20.08
C VAL E 9 9.06 -20.93 -20.27
N GLY E 10 8.14 -20.33 -19.51
CA GLY E 10 7.92 -18.91 -19.62
C GLY E 10 8.97 -18.07 -18.94
N THR E 11 9.82 -18.69 -18.12
CA THR E 11 10.84 -17.93 -17.40
C THR E 11 12.25 -18.23 -17.89
N ILE E 12 12.49 -19.42 -18.44
CA ILE E 12 13.77 -19.69 -19.07
C ILE E 12 13.93 -18.86 -20.34
N ILE E 13 12.89 -18.81 -21.17
CA ILE E 13 12.91 -17.95 -22.34
C ILE E 13 12.64 -16.50 -21.95
N GLY E 14 12.19 -16.27 -20.73
CA GLY E 14 11.89 -14.90 -20.32
C GLY E 14 13.10 -14.16 -19.81
N ILE E 15 14.06 -14.88 -19.25
CA ILE E 15 15.27 -14.25 -18.72
C ILE E 15 16.44 -14.43 -19.67
N ILE E 16 16.46 -15.50 -20.46
CA ILE E 16 17.50 -15.65 -21.47
C ILE E 16 17.28 -14.66 -22.60
N ALA E 17 16.07 -14.64 -23.18
CA ALA E 17 15.80 -13.71 -24.27
C ALA E 17 15.78 -12.26 -23.84
N ALA E 18 15.82 -11.99 -22.53
CA ALA E 18 16.06 -10.63 -22.08
C ALA E 18 17.55 -10.36 -21.95
N PHE E 19 18.31 -11.35 -21.47
CA PHE E 19 19.77 -11.23 -21.44
C PHE E 19 20.39 -11.45 -22.81
N LEU E 20 19.62 -11.91 -23.78
CA LEU E 20 20.13 -12.10 -25.13
C LEU E 20 19.76 -10.96 -26.07
N LEU E 21 18.83 -10.09 -25.65
CA LEU E 21 18.63 -8.83 -26.35
C LEU E 21 19.46 -7.71 -25.75
N ILE E 22 19.91 -7.89 -24.51
CA ILE E 22 20.86 -6.96 -23.92
C ILE E 22 22.25 -7.18 -24.51
N LEU E 23 22.65 -8.44 -24.65
CA LEU E 23 23.97 -8.74 -25.20
C LEU E 23 24.07 -8.46 -26.70
N ILE E 24 22.94 -8.29 -27.38
CA ILE E 24 22.99 -7.92 -28.79
C ILE E 24 23.20 -6.43 -28.95
N SER E 25 22.43 -5.62 -28.23
CA SER E 25 22.58 -4.17 -28.29
C SER E 25 23.99 -3.72 -27.91
N ILE E 26 24.75 -4.57 -27.24
CA ILE E 26 26.15 -4.27 -26.95
C ILE E 26 27.03 -4.66 -28.13
N LEU E 27 26.75 -5.79 -28.75
CA LEU E 27 27.56 -6.26 -29.87
C LEU E 27 27.29 -5.49 -31.16
N ILE E 28 26.12 -4.85 -31.27
CA ILE E 28 25.83 -4.08 -32.46
C ILE E 28 26.66 -2.80 -32.54
N GLY E 29 26.74 -2.05 -31.43
CA GLY E 29 27.50 -0.82 -31.42
C GLY E 29 28.99 -1.02 -31.43
N GLY E 30 29.49 -1.92 -30.58
CA GLY E 30 30.91 -2.20 -30.52
C GLY E 30 31.22 -3.62 -30.08
N SER E 31 32.30 -3.79 -29.34
CA SER E 31 32.64 -5.08 -28.76
C SER E 31 32.27 -5.11 -27.29
N ILE E 32 32.12 -6.31 -26.75
CA ILE E 32 31.71 -6.44 -25.36
C ILE E 32 32.90 -6.31 -24.41
N THR E 33 34.10 -6.07 -24.95
CA THR E 33 35.26 -5.82 -24.12
C THR E 33 35.13 -4.51 -23.36
N ALA E 34 34.25 -3.62 -23.83
CA ALA E 34 34.09 -2.33 -23.18
C ALA E 34 33.14 -2.40 -22.00
N PHE E 35 32.22 -3.36 -21.98
CA PHE E 35 31.23 -3.47 -20.92
C PHE E 35 31.58 -4.49 -19.86
N ILE E 36 32.72 -5.17 -19.98
CA ILE E 36 33.18 -6.07 -18.93
C ILE E 36 34.13 -5.31 -18.02
N ASN E 37 33.72 -5.09 -16.77
CA ASN E 37 34.52 -4.38 -15.78
C ASN E 37 34.41 -5.16 -14.48
N VAL E 38 35.45 -5.94 -14.17
CA VAL E 38 35.42 -6.91 -13.08
C VAL E 38 35.31 -6.26 -11.71
N PRO E 39 36.07 -5.20 -11.38
CA PRO E 39 35.90 -4.56 -10.07
C PRO E 39 34.59 -3.84 -9.87
N SER E 40 33.72 -3.80 -10.88
CA SER E 40 32.36 -3.28 -10.72
C SER E 40 31.30 -4.36 -10.81
N ILE E 41 31.71 -5.63 -10.90
CA ILE E 41 30.78 -6.73 -10.69
C ILE E 41 30.72 -7.13 -9.22
N PHE E 42 31.76 -6.86 -8.45
CA PHE E 42 31.80 -7.28 -7.07
C PHE E 42 31.08 -6.31 -6.13
N ILE E 43 30.68 -5.14 -6.61
CA ILE E 43 29.85 -4.27 -5.80
C ILE E 43 28.37 -4.52 -6.07
N VAL E 44 27.96 -4.61 -7.32
CA VAL E 44 26.57 -4.83 -7.64
C VAL E 44 26.12 -6.23 -7.27
N VAL E 45 26.91 -7.24 -7.64
CA VAL E 45 26.55 -8.62 -7.31
C VAL E 45 27.06 -8.99 -5.92
N GLY E 46 28.34 -8.71 -5.65
CA GLY E 46 28.91 -9.05 -4.36
C GLY E 46 28.34 -8.25 -3.21
N GLY E 47 27.96 -7.00 -3.47
CA GLY E 47 27.36 -6.18 -2.45
C GLY E 47 25.86 -6.38 -2.34
N GLY E 48 25.17 -6.41 -3.48
CA GLY E 48 23.72 -6.56 -3.47
C GLY E 48 23.26 -7.87 -2.87
N MET E 49 24.12 -8.88 -2.86
CA MET E 49 23.79 -10.12 -2.18
C MET E 49 24.40 -10.18 -0.78
N ALA E 50 25.31 -9.27 -0.46
CA ALA E 50 25.86 -9.23 0.90
C ALA E 50 24.96 -8.47 1.85
N ALA E 51 24.56 -7.25 1.47
CA ALA E 51 23.65 -6.49 2.31
C ALA E 51 22.28 -7.16 2.39
N ALA E 52 21.86 -7.83 1.32
CA ALA E 52 20.62 -8.59 1.34
C ALA E 52 20.76 -9.91 2.08
N MET E 53 21.96 -10.26 2.54
CA MET E 53 22.11 -11.37 3.47
C MET E 53 21.82 -10.92 4.88
N GLY E 54 22.14 -9.67 5.20
CA GLY E 54 21.86 -9.11 6.49
C GLY E 54 20.42 -8.70 6.71
N ALA E 55 19.64 -8.57 5.64
CA ALA E 55 18.25 -8.19 5.78
C ALA E 55 17.35 -9.35 6.17
N PHE E 56 17.89 -10.56 6.21
CA PHE E 56 17.13 -11.76 6.54
C PHE E 56 17.98 -12.67 7.41
N PRO E 57 17.37 -13.41 8.32
CA PRO E 57 18.11 -14.47 9.02
C PRO E 57 18.73 -15.42 8.00
N LEU E 58 19.78 -16.12 8.45
CA LEU E 58 20.56 -16.91 7.50
C LEU E 58 19.73 -18.05 6.91
N LYS E 59 18.80 -18.62 7.67
CA LYS E 59 18.00 -19.71 7.15
C LYS E 59 16.93 -19.23 6.16
N ASP E 60 16.61 -17.94 6.17
CA ASP E 60 15.62 -17.40 5.25
C ASP E 60 16.23 -16.72 4.04
N PHE E 61 17.55 -16.59 4.00
CA PHE E 61 18.25 -16.10 2.80
C PHE E 61 18.83 -17.23 1.97
N ILE E 62 19.29 -18.31 2.60
CA ILE E 62 19.76 -19.45 1.82
C ILE E 62 18.59 -20.11 1.10
N ARG E 63 17.39 -20.08 1.69
CA ARG E 63 16.21 -20.57 0.99
C ARG E 63 15.84 -19.64 -0.15
N GLY E 64 15.81 -18.33 0.11
CA GLY E 64 15.35 -17.39 -0.89
C GLY E 64 16.25 -17.31 -2.11
N VAL E 65 17.54 -17.57 -1.93
CA VAL E 65 18.45 -17.58 -3.07
C VAL E 65 18.38 -18.90 -3.81
N LEU E 66 18.31 -20.02 -3.09
CA LEU E 66 18.13 -21.31 -3.72
C LEU E 66 16.69 -21.57 -4.14
N ALA E 67 15.83 -20.55 -4.09
CA ALA E 67 14.48 -20.64 -4.61
C ALA E 67 14.39 -20.20 -6.06
N ILE E 68 15.51 -20.24 -6.78
CA ILE E 68 15.47 -20.05 -8.23
C ILE E 68 15.03 -21.33 -8.93
N LYS E 69 15.47 -22.49 -8.45
CA LYS E 69 15.03 -23.76 -9.00
C LYS E 69 13.51 -23.91 -8.99
N LYS E 70 12.81 -23.06 -8.24
CA LYS E 70 11.36 -23.02 -8.27
C LYS E 70 10.83 -21.94 -9.21
N ALA E 71 11.67 -21.00 -9.62
CA ALA E 71 11.24 -20.02 -10.61
C ALA E 71 11.46 -20.55 -12.02
N PHE E 72 12.64 -21.09 -12.29
CA PHE E 72 12.97 -21.52 -13.64
C PHE E 72 12.25 -22.83 -13.98
N LEU E 73 12.56 -23.90 -13.26
CA LEU E 73 11.94 -25.20 -13.52
C LEU E 73 10.77 -25.41 -12.56
N TRP E 74 9.68 -24.69 -12.85
CA TRP E 74 8.43 -24.84 -12.12
C TRP E 74 7.40 -25.49 -13.03
N LYS E 75 6.64 -26.43 -12.46
CA LYS E 75 5.59 -27.12 -13.21
C LYS E 75 4.28 -26.94 -12.47
N PRO E 76 3.30 -26.25 -13.06
CA PRO E 76 2.12 -25.86 -12.31
C PRO E 76 1.29 -27.08 -11.91
N PRO E 77 0.65 -27.05 -10.75
CA PRO E 77 -0.20 -28.18 -10.34
C PRO E 77 -1.40 -28.30 -11.27
N ASP E 78 -1.58 -29.49 -11.84
CA ASP E 78 -2.67 -29.70 -12.79
C ASP E 78 -4.00 -29.72 -12.06
N LEU E 79 -4.88 -28.78 -12.40
CA LEU E 79 -6.18 -28.73 -11.74
C LEU E 79 -7.09 -29.87 -12.13
N ASN E 80 -6.69 -30.71 -13.08
CA ASN E 80 -7.46 -31.90 -13.43
C ASN E 80 -7.14 -33.08 -12.53
N ASP E 81 -6.11 -32.98 -11.70
CA ASP E 81 -5.80 -33.98 -10.70
C ASP E 81 -6.00 -33.48 -9.28
N VAL E 82 -6.02 -32.17 -9.07
CA VAL E 82 -6.49 -31.61 -7.81
C VAL E 82 -7.95 -31.96 -7.60
N ILE E 83 -8.68 -32.23 -8.69
CA ILE E 83 -10.06 -32.65 -8.58
C ILE E 83 -10.16 -34.16 -8.43
N GLU E 84 -9.49 -34.91 -9.31
CA GLU E 84 -9.53 -36.36 -9.26
C GLU E 84 -8.86 -36.95 -8.03
N THR E 85 -8.34 -36.11 -7.14
CA THR E 85 -7.93 -36.59 -5.82
C THR E 85 -9.08 -36.47 -4.82
N ILE E 86 -9.78 -35.34 -4.83
CA ILE E 86 -10.92 -35.16 -3.95
C ILE E 86 -12.03 -36.13 -4.32
N GLY E 87 -12.20 -36.42 -5.61
CA GLY E 87 -13.10 -37.46 -6.02
C GLY E 87 -12.60 -38.85 -5.70
N GLU E 88 -11.33 -38.97 -5.31
CA GLU E 88 -10.78 -40.26 -4.91
C GLU E 88 -10.73 -40.38 -3.39
N ILE E 89 -10.60 -39.26 -2.68
CA ILE E 89 -10.68 -39.29 -1.22
C ILE E 89 -12.13 -39.49 -0.77
N ALA E 90 -13.07 -38.83 -1.45
CA ALA E 90 -14.45 -38.84 -0.99
C ALA E 90 -15.07 -40.22 -1.05
N SER E 91 -14.82 -40.97 -2.13
CA SER E 91 -15.35 -42.33 -2.20
C SER E 91 -14.64 -43.26 -1.24
N LYS E 92 -13.34 -43.06 -1.00
CA LYS E 92 -12.63 -43.86 -0.02
C LYS E 92 -13.13 -43.61 1.39
N VAL E 93 -13.74 -42.45 1.63
CA VAL E 93 -14.35 -42.18 2.92
C VAL E 93 -15.81 -42.60 2.92
N ARG E 94 -16.48 -42.56 1.77
CA ARG E 94 -17.88 -42.97 1.71
C ARG E 94 -18.02 -44.48 1.67
N LYS E 95 -17.06 -45.19 1.08
CA LYS E 95 -17.13 -46.64 1.01
C LYS E 95 -16.63 -47.29 2.30
N GLU E 96 -15.37 -47.08 2.63
CA GLU E 96 -14.74 -47.76 3.76
C GLU E 96 -14.68 -46.89 5.01
N GLY E 97 -15.36 -45.76 5.03
CA GLY E 97 -15.36 -44.91 6.20
C GLY E 97 -14.13 -44.03 6.26
N ILE E 98 -14.10 -43.20 7.30
CA ILE E 98 -13.00 -42.27 7.50
C ILE E 98 -11.81 -42.95 8.17
N LEU E 99 -12.08 -43.98 8.98
CA LEU E 99 -11.02 -44.65 9.72
C LEU E 99 -10.25 -45.66 8.86
N ALA E 100 -10.55 -45.74 7.57
CA ALA E 100 -9.83 -46.63 6.65
C ALA E 100 -8.90 -45.84 5.73
N LEU E 101 -8.46 -44.67 6.16
CA LEU E 101 -7.49 -43.89 5.42
C LEU E 101 -6.09 -43.96 6.02
N GLU E 102 -5.87 -44.86 6.97
CA GLU E 102 -4.52 -45.04 7.50
C GLU E 102 -3.56 -45.57 6.46
N GLY E 103 -4.00 -46.51 5.62
CA GLY E 103 -3.16 -47.04 4.58
C GLY E 103 -2.90 -46.11 3.42
N ASP E 104 -3.51 -44.93 3.41
CA ASP E 104 -3.34 -43.98 2.33
C ASP E 104 -2.74 -42.66 2.81
N ILE E 105 -2.23 -42.62 4.05
CA ILE E 105 -1.64 -41.39 4.57
C ILE E 105 -0.37 -41.05 3.81
N GLU E 106 0.59 -41.99 3.76
CA GLU E 106 1.83 -41.73 3.04
C GLU E 106 1.60 -41.53 1.56
N LEU E 107 0.50 -42.05 1.02
CA LEU E 107 0.20 -41.84 -0.39
C LEU E 107 -0.40 -40.45 -0.61
N TYR E 108 -1.25 -40.00 0.31
CA TYR E 108 -1.78 -38.64 0.28
C TYR E 108 -0.81 -37.63 0.86
N TYR E 109 0.35 -38.07 1.34
CA TYR E 109 1.42 -37.15 1.69
C TYR E 109 2.27 -36.79 0.47
N GLN E 110 2.18 -37.59 -0.60
CA GLN E 110 2.98 -37.35 -1.79
C GLN E 110 2.42 -36.24 -2.67
N LYS E 111 1.09 -36.11 -2.76
CA LYS E 111 0.51 -35.02 -3.53
C LYS E 111 0.97 -33.67 -2.99
N ASP E 112 0.74 -33.43 -1.70
CA ASP E 112 1.23 -32.25 -1.01
C ASP E 112 1.22 -32.53 0.47
N PRO E 113 2.21 -32.04 1.22
CA PRO E 113 2.31 -32.38 2.65
C PRO E 113 1.19 -31.81 3.50
N LEU E 114 0.36 -30.91 2.97
CA LEU E 114 -0.76 -30.42 3.76
C LEU E 114 -1.88 -31.45 3.83
N LEU E 115 -2.26 -32.03 2.69
CA LEU E 115 -3.24 -33.10 2.69
C LEU E 115 -2.73 -34.34 3.42
N GLY E 116 -1.42 -34.39 3.69
CA GLY E 116 -0.86 -35.55 4.38
C GLY E 116 -0.98 -35.47 5.88
N ASP E 117 -0.81 -34.28 6.45
CA ASP E 117 -1.03 -34.06 7.87
C ASP E 117 -2.37 -33.40 8.15
N MET E 118 -3.28 -33.39 7.17
CA MET E 118 -4.66 -33.00 7.38
C MET E 118 -5.59 -34.19 7.37
N ILE E 119 -5.17 -35.31 6.78
CA ILE E 119 -5.91 -36.56 6.94
C ILE E 119 -5.43 -37.30 8.17
N ARG E 120 -4.16 -37.14 8.55
CA ARG E 120 -3.68 -37.71 9.81
C ARG E 120 -4.47 -37.15 10.98
N MET E 121 -4.74 -35.85 10.98
CA MET E 121 -5.63 -35.27 11.96
C MET E 121 -7.06 -35.76 11.76
N LEU E 122 -7.42 -36.13 10.54
CA LEU E 122 -8.78 -36.59 10.27
C LEU E 122 -8.99 -38.02 10.79
N VAL E 123 -7.98 -38.88 10.62
CA VAL E 123 -8.06 -40.24 11.12
C VAL E 123 -8.03 -40.31 12.64
N ASP E 124 -7.30 -39.42 13.30
CA ASP E 124 -7.27 -39.39 14.76
C ASP E 124 -8.63 -39.06 15.36
N GLY E 125 -9.53 -38.48 14.59
CA GLY E 125 -10.85 -38.16 15.06
C GLY E 125 -11.05 -36.74 15.56
N ILE E 126 -10.22 -35.81 15.15
CA ILE E 126 -10.34 -34.41 15.56
C ILE E 126 -11.47 -33.77 14.76
N ASP E 127 -12.33 -33.02 15.46
CA ASP E 127 -13.49 -32.42 14.81
C ASP E 127 -13.06 -31.49 13.68
N ILE E 128 -13.94 -31.35 12.68
CA ILE E 128 -13.62 -30.54 11.51
C ILE E 128 -13.31 -29.11 11.90
N ASN E 129 -13.96 -28.60 12.94
CA ASN E 129 -13.76 -27.20 13.32
C ASN E 129 -12.33 -26.91 13.75
N ASP E 130 -11.54 -27.94 14.08
CA ASP E 130 -10.13 -27.73 14.38
C ASP E 130 -9.28 -27.93 13.14
N ILE E 131 -9.47 -29.05 12.43
CA ILE E 131 -8.68 -29.31 11.24
C ILE E 131 -8.91 -28.23 10.18
N LYS E 132 -10.15 -27.76 10.06
CA LYS E 132 -10.44 -26.65 9.17
C LYS E 132 -9.81 -25.35 9.64
N ALA E 133 -9.65 -25.17 10.95
CA ALA E 133 -9.12 -23.93 11.49
C ALA E 133 -7.65 -24.01 11.88
N THR E 134 -7.06 -25.21 11.89
CA THR E 134 -5.62 -25.33 12.08
C THR E 134 -4.89 -25.33 10.74
N ALA E 135 -5.39 -26.12 9.77
CA ALA E 135 -4.82 -26.09 8.43
C ALA E 135 -5.06 -24.76 7.74
N GLU E 136 -6.00 -23.94 8.25
CA GLU E 136 -6.09 -22.56 7.79
C GLU E 136 -4.90 -21.75 8.30
N MET E 137 -4.46 -22.00 9.53
CA MET E 137 -3.32 -21.28 10.08
C MET E 137 -2.01 -21.97 9.74
N ALA E 138 -2.02 -23.29 9.54
CA ALA E 138 -0.82 -23.98 9.08
C ALA E 138 -0.47 -23.58 7.65
N LEU E 139 -1.45 -23.16 6.87
CA LEU E 139 -1.19 -22.69 5.52
C LEU E 139 -0.69 -21.25 5.53
N ALA E 140 -1.26 -20.41 6.39
CA ALA E 140 -0.84 -19.01 6.47
C ALA E 140 0.59 -18.87 6.93
N GLN E 141 1.16 -19.89 7.58
CA GLN E 141 2.57 -19.90 7.95
C GLN E 141 3.38 -20.87 7.10
N LEU E 142 2.73 -21.65 6.24
CA LEU E 142 3.41 -22.23 5.10
C LEU E 142 3.45 -21.23 3.94
N ASP E 143 2.61 -20.20 4.00
CA ASP E 143 2.65 -19.12 3.03
C ASP E 143 3.73 -18.09 3.36
N GLU E 144 3.91 -17.76 4.64
CA GLU E 144 5.01 -16.89 5.04
C GLU E 144 6.37 -17.52 4.77
N LYS E 145 6.41 -18.81 4.45
CA LYS E 145 7.64 -19.43 4.00
C LYS E 145 7.92 -19.11 2.54
N MET E 146 6.88 -19.04 1.71
CA MET E 146 7.04 -18.69 0.31
C MET E 146 7.07 -17.18 0.09
N SER E 147 6.45 -16.42 0.98
CA SER E 147 6.53 -14.96 0.87
C SER E 147 7.86 -14.43 1.35
N THR E 148 8.73 -15.29 1.89
CA THR E 148 10.09 -14.88 2.17
C THR E 148 11.04 -15.33 1.07
N GLU E 149 10.67 -16.36 0.31
CA GLU E 149 11.41 -16.66 -0.91
C GLU E 149 11.20 -15.58 -1.95
N VAL E 150 10.13 -14.79 -1.82
CA VAL E 150 9.88 -13.68 -2.71
C VAL E 150 10.39 -12.38 -2.11
N ALA E 151 10.31 -12.25 -0.79
CA ALA E 151 10.80 -11.06 -0.13
C ALA E 151 12.30 -10.90 -0.24
N VAL E 152 13.02 -11.97 -0.54
CA VAL E 152 14.44 -11.84 -0.85
C VAL E 152 14.63 -11.22 -2.22
N TRP E 153 13.98 -11.79 -3.23
CA TRP E 153 14.16 -11.33 -4.60
C TRP E 153 13.49 -10.01 -4.88
N GLU E 154 12.59 -9.56 -4.02
CA GLU E 154 12.12 -8.19 -4.08
C GLU E 154 13.01 -7.25 -3.29
N LYS E 155 14.05 -7.78 -2.65
CA LYS E 155 15.05 -6.98 -1.94
C LYS E 155 16.35 -6.91 -2.72
N LEU E 156 16.72 -8.00 -3.39
CA LEU E 156 17.84 -7.93 -4.33
C LEU E 156 17.51 -7.06 -5.52
N ALA E 157 16.22 -7.01 -5.91
CA ALA E 157 15.80 -6.09 -6.95
C ALA E 157 15.84 -4.64 -6.49
N ASP E 158 15.91 -4.40 -5.18
CA ASP E 158 16.05 -3.06 -4.63
C ASP E 158 17.45 -2.76 -4.15
N LEU E 159 18.35 -3.75 -4.14
CA LEU E 159 19.73 -3.57 -3.72
C LEU E 159 20.74 -3.81 -4.82
N PHE E 160 20.38 -4.51 -5.89
CA PHE E 160 21.25 -4.56 -7.06
C PHE E 160 21.37 -3.20 -7.74
N PRO E 161 20.30 -2.43 -7.95
CA PRO E 161 20.48 -1.09 -8.53
C PRO E 161 20.85 -0.03 -7.51
N ALA E 162 20.65 -0.29 -6.22
CA ALA E 162 21.01 0.69 -5.21
C ALA E 162 22.43 0.51 -4.71
N PHE E 163 23.07 -0.60 -5.06
CA PHE E 163 24.53 -0.71 -4.93
C PHE E 163 25.25 -0.37 -6.21
N GLY E 164 24.51 -0.08 -7.30
CA GLY E 164 25.12 0.53 -8.45
C GLY E 164 25.26 2.03 -8.29
N MET E 165 24.28 2.67 -7.66
CA MET E 165 24.41 4.08 -7.32
C MET E 165 25.53 4.30 -6.31
N ILE E 166 25.90 3.27 -5.55
CA ILE E 166 27.08 3.37 -4.71
C ILE E 166 28.33 3.04 -5.52
N GLY E 167 28.28 1.99 -6.33
CA GLY E 167 29.39 1.66 -7.20
C GLY E 167 29.68 2.73 -8.24
N THR E 168 28.70 3.59 -8.54
CA THR E 168 28.95 4.72 -9.43
C THR E 168 29.72 5.81 -8.71
N LEU E 169 29.15 6.35 -7.63
CA LEU E 169 29.77 7.45 -6.91
C LEU E 169 31.13 7.09 -6.35
N ILE E 170 31.33 5.84 -5.93
CA ILE E 170 32.66 5.43 -5.47
C ILE E 170 33.67 5.52 -6.59
N GLY E 171 33.23 5.34 -7.83
CA GLY E 171 34.05 5.52 -9.01
C GLY E 171 33.82 6.81 -9.75
N LEU E 172 32.86 7.62 -9.29
CA LEU E 172 32.62 8.94 -9.84
C LEU E 172 33.22 10.05 -9.00
N ILE E 173 33.63 9.74 -7.76
CA ILE E 173 34.29 10.72 -6.91
C ILE E 173 35.79 10.72 -7.19
N GLN E 174 36.37 9.55 -7.42
CA GLN E 174 37.79 9.47 -7.76
C GLN E 174 38.08 10.09 -9.11
N MET E 175 37.11 10.13 -10.02
CA MET E 175 37.33 10.77 -11.31
C MET E 175 37.42 12.29 -11.16
N LEU E 176 36.71 12.87 -10.19
CA LEU E 176 36.81 14.30 -9.93
C LEU E 176 38.01 14.65 -9.07
N ARG E 177 38.55 13.68 -8.32
CA ARG E 177 39.76 13.94 -7.55
C ARG E 177 40.93 14.27 -8.46
N ASN E 178 41.18 13.42 -9.46
CA ASN E 178 42.30 13.59 -10.38
C ASN E 178 41.71 13.95 -11.75
N LEU E 179 41.52 15.24 -11.99
CA LEU E 179 40.94 15.74 -13.23
C LEU E 179 41.98 16.41 -14.13
N ASN E 180 43.25 16.00 -14.03
CA ASN E 180 44.28 16.62 -14.84
C ASN E 180 44.23 16.15 -16.29
N ASP E 181 44.19 14.84 -16.50
CA ASP E 181 44.17 14.29 -17.86
C ASP E 181 42.85 14.59 -18.52
N PRO E 182 42.84 15.29 -19.66
CA PRO E 182 41.55 15.58 -20.33
C PRO E 182 40.90 14.34 -20.93
N SER E 183 41.66 13.27 -21.16
CA SER E 183 41.12 12.02 -21.69
C SER E 183 40.79 11.02 -20.60
N ALA E 184 40.90 11.40 -19.34
CA ALA E 184 40.51 10.55 -18.22
C ALA E 184 39.07 10.79 -17.78
N LEU E 185 38.39 11.76 -18.38
CA LEU E 185 36.99 12.01 -18.09
C LEU E 185 36.07 11.22 -19.03
N GLY E 186 36.55 10.86 -20.21
CA GLY E 186 35.77 10.06 -21.12
C GLY E 186 35.57 8.65 -20.59
N PRO E 187 36.64 7.85 -20.61
CA PRO E 187 36.53 6.48 -20.08
C PRO E 187 36.29 6.43 -18.58
N GLY E 188 36.63 7.48 -17.83
CA GLY E 188 36.30 7.49 -16.42
C GLY E 188 34.81 7.64 -16.16
N MET E 189 34.12 8.34 -17.04
CA MET E 189 32.66 8.44 -16.97
C MET E 189 32.00 7.21 -17.55
N ALA E 190 32.69 6.47 -18.42
CA ALA E 190 32.15 5.23 -18.95
C ALA E 190 32.22 4.13 -17.90
N VAL E 191 33.35 4.01 -17.21
CA VAL E 191 33.50 2.98 -16.18
C VAL E 191 32.59 3.26 -15.00
N ALA E 192 32.41 4.53 -14.65
CA ALA E 192 31.51 4.89 -13.56
C ALA E 192 30.05 4.77 -13.95
N LEU E 193 29.75 4.58 -15.23
CA LEU E 193 28.39 4.38 -15.71
C LEU E 193 28.07 2.90 -15.93
N ILE E 194 29.08 2.04 -15.99
CA ILE E 194 28.84 0.62 -16.13
C ILE E 194 28.27 0.05 -14.84
N THR E 195 28.81 0.47 -13.69
CA THR E 195 28.34 -0.05 -12.42
C THR E 195 26.89 0.32 -12.17
N THR E 196 26.37 1.32 -12.87
CA THR E 196 24.94 1.58 -12.85
C THR E 196 24.21 0.68 -13.83
N LEU E 197 24.82 0.39 -14.98
CA LEU E 197 24.19 -0.49 -15.96
C LEU E 197 24.07 -1.90 -15.42
N TYR E 198 25.07 -2.36 -14.66
CA TYR E 198 24.98 -3.69 -14.05
C TYR E 198 23.85 -3.76 -13.04
N GLY E 199 23.49 -2.64 -12.42
CA GLY E 199 22.39 -2.64 -11.48
C GLY E 199 21.04 -2.75 -12.14
N ALA E 200 20.89 -2.21 -13.35
CA ALA E 200 19.64 -2.29 -14.07
C ALA E 200 19.53 -3.52 -14.95
N ILE E 201 20.66 -4.15 -15.30
CA ILE E 201 20.61 -5.44 -16.00
C ILE E 201 20.06 -6.50 -15.08
N LEU E 202 20.39 -6.42 -13.79
CA LEU E 202 20.00 -7.45 -12.84
C LEU E 202 18.62 -7.18 -12.24
N ALA E 203 18.38 -5.96 -11.77
CA ALA E 203 17.12 -5.66 -11.12
C ALA E 203 15.95 -5.81 -12.07
N ASN E 204 16.12 -5.39 -13.33
CA ASN E 204 15.04 -5.44 -14.29
C ASN E 204 14.90 -6.80 -14.98
N ALA E 205 16.00 -7.38 -15.45
CA ALA E 205 15.91 -8.59 -16.25
C ALA E 205 16.01 -9.86 -15.44
N PHE E 206 16.61 -9.82 -14.26
CA PHE E 206 16.82 -11.07 -13.54
C PHE E 206 16.16 -11.11 -12.18
N ALA E 207 16.11 -10.00 -11.46
CA ALA E 207 15.64 -10.03 -10.08
C ALA E 207 14.17 -9.68 -9.91
N ILE E 208 13.57 -8.97 -10.86
CA ILE E 208 12.14 -8.70 -10.83
C ILE E 208 11.35 -9.88 -11.42
N PRO E 209 11.77 -10.46 -12.55
CA PRO E 209 11.08 -11.68 -13.01
C PRO E 209 11.13 -12.83 -12.02
N VAL E 210 12.20 -12.99 -11.25
CA VAL E 210 12.24 -14.07 -10.27
C VAL E 210 11.51 -13.67 -9.00
N ALA E 211 11.44 -12.36 -8.72
CA ALA E 211 10.63 -11.91 -7.59
C ALA E 211 9.14 -11.95 -7.91
N ASN E 212 8.77 -12.37 -9.12
CA ASN E 212 7.36 -12.50 -9.49
C ASN E 212 6.98 -13.92 -9.88
N LYS E 213 7.81 -14.59 -10.67
CA LYS E 213 7.55 -16.00 -10.97
C LYS E 213 7.52 -16.83 -9.71
N LEU E 214 8.16 -16.36 -8.63
CA LEU E 214 8.01 -16.99 -7.32
C LEU E 214 6.76 -16.53 -6.59
N LYS E 215 6.07 -15.51 -7.12
CA LYS E 215 4.82 -15.06 -6.52
C LYS E 215 3.63 -15.67 -7.23
N LYS E 216 3.65 -15.71 -8.56
CA LYS E 216 2.63 -16.43 -9.30
C LYS E 216 2.72 -17.94 -9.10
N ALA E 217 3.82 -18.42 -8.52
CA ALA E 217 3.91 -19.80 -8.09
C ALA E 217 3.46 -19.98 -6.65
N LYS E 218 3.43 -18.90 -5.87
CA LYS E 218 2.88 -18.97 -4.51
C LYS E 218 1.36 -18.95 -4.55
N ASP E 219 0.79 -17.95 -5.24
CA ASP E 219 -0.66 -17.81 -5.28
C ASP E 219 -1.35 -18.98 -5.97
N MET E 220 -0.63 -19.70 -6.85
CA MET E 220 -1.23 -20.87 -7.48
C MET E 220 -1.13 -22.10 -6.61
N GLU E 221 -0.01 -22.28 -5.90
CA GLU E 221 0.15 -23.41 -5.00
C GLU E 221 -0.59 -23.21 -3.69
N VAL E 222 -1.05 -21.99 -3.39
CA VAL E 222 -1.89 -21.79 -2.22
C VAL E 222 -3.34 -22.13 -2.55
N LEU E 223 -3.81 -21.75 -3.74
CA LEU E 223 -5.17 -22.10 -4.14
C LEU E 223 -5.37 -23.61 -4.19
N VAL E 224 -4.35 -24.37 -4.56
CA VAL E 224 -4.46 -25.82 -4.52
C VAL E 224 -4.41 -26.33 -3.08
N LYS E 225 -3.66 -25.63 -2.22
CA LYS E 225 -3.69 -25.96 -0.79
C LYS E 225 -4.99 -25.52 -0.14
N THR E 226 -5.56 -24.40 -0.59
CA THR E 226 -6.76 -23.87 0.05
C THR E 226 -7.98 -24.75 -0.25
N ILE E 227 -7.99 -25.41 -1.40
CA ILE E 227 -9.16 -26.22 -1.75
C ILE E 227 -9.17 -27.52 -0.96
N TYR E 228 -8.01 -28.15 -0.78
CA TYR E 228 -7.95 -29.34 0.06
C TYR E 228 -8.47 -29.06 1.46
N ILE E 229 -8.35 -27.82 1.93
CA ILE E 229 -8.95 -27.45 3.20
C ILE E 229 -10.46 -27.40 3.08
N GLU E 230 -10.98 -26.68 2.07
CA GLU E 230 -12.41 -26.61 1.85
C GLU E 230 -13.00 -27.94 1.44
N ALA E 231 -12.21 -28.82 0.81
CA ALA E 231 -12.74 -30.09 0.34
C ALA E 231 -12.88 -31.09 1.47
N ILE E 232 -11.95 -31.09 2.42
CA ILE E 232 -12.04 -32.02 3.54
C ILE E 232 -13.16 -31.64 4.49
N GLU E 233 -13.51 -30.36 4.57
CA GLU E 233 -14.67 -29.95 5.35
C GLU E 233 -15.94 -30.59 4.81
N LYS E 234 -15.97 -30.91 3.51
CA LYS E 234 -17.09 -31.62 2.92
C LYS E 234 -16.97 -33.13 3.07
N ILE E 235 -15.80 -33.65 3.44
CA ILE E 235 -15.63 -35.09 3.56
C ILE E 235 -16.06 -35.56 4.95
N GLN E 236 -15.72 -34.80 5.99
CA GLN E 236 -16.16 -35.18 7.32
C GLN E 236 -17.65 -34.90 7.54
N LYS E 237 -18.26 -34.08 6.71
CA LYS E 237 -19.71 -33.90 6.78
C LYS E 237 -20.47 -34.94 5.98
N GLY E 238 -19.77 -35.93 5.43
CA GLY E 238 -20.43 -37.02 4.73
C GLY E 238 -21.15 -36.63 3.46
N GLU E 239 -20.48 -35.89 2.57
CA GLU E 239 -21.11 -35.50 1.33
C GLU E 239 -20.78 -36.49 0.22
N ASN E 240 -21.41 -36.29 -0.93
CA ASN E 240 -21.24 -37.20 -2.05
C ASN E 240 -19.86 -37.01 -2.66
N PRO E 241 -19.34 -38.01 -3.36
CA PRO E 241 -18.10 -37.80 -4.10
C PRO E 241 -18.25 -36.82 -5.25
N ASN E 242 -19.37 -36.88 -5.97
CA ASN E 242 -19.59 -36.04 -7.14
C ASN E 242 -20.10 -34.65 -6.80
N VAL E 243 -20.52 -34.41 -5.55
CA VAL E 243 -20.94 -33.08 -5.12
C VAL E 243 -19.78 -32.27 -4.58
N VAL E 244 -18.60 -32.87 -4.43
CA VAL E 244 -17.41 -32.11 -4.05
C VAL E 244 -16.52 -31.82 -5.26
N LYS E 245 -16.43 -32.75 -6.21
CA LYS E 245 -15.75 -32.45 -7.46
C LYS E 245 -16.44 -31.31 -8.20
N GLN E 246 -17.77 -31.27 -8.15
CA GLN E 246 -18.50 -30.19 -8.81
C GLN E 246 -18.27 -28.86 -8.09
N GLU E 247 -18.22 -28.87 -6.77
CA GLU E 247 -17.94 -27.67 -6.00
C GLU E 247 -16.46 -27.31 -5.99
N ALA E 248 -15.59 -28.17 -6.52
CA ALA E 248 -14.18 -27.87 -6.67
C ALA E 248 -13.78 -27.58 -8.12
N ALA E 249 -14.52 -28.11 -9.08
CA ALA E 249 -14.31 -27.71 -10.47
C ALA E 249 -14.89 -26.34 -10.74
N ILE E 250 -15.86 -25.91 -9.93
CA ILE E 250 -16.39 -24.56 -10.02
C ILE E 250 -15.53 -23.59 -9.22
N MET E 251 -14.97 -24.06 -8.11
CA MET E 251 -14.10 -23.22 -7.29
C MET E 251 -12.77 -22.96 -7.98
N LEU E 252 -12.44 -23.74 -9.01
CA LEU E 252 -11.25 -23.50 -9.81
C LEU E 252 -11.56 -22.97 -11.20
N GLY E 253 -12.68 -23.40 -11.80
CA GLY E 253 -12.97 -23.06 -13.18
C GLY E 253 -12.61 -24.15 -14.16
N VAL E 254 -12.75 -25.41 -13.79
CA VAL E 254 -12.36 -26.53 -14.62
C VAL E 254 -13.61 -27.12 -15.27
N GLU E 255 -13.48 -27.58 -16.50
CA GLU E 255 -14.60 -28.20 -17.20
C GLU E 255 -14.77 -29.65 -16.77
N LEU E 256 -16.02 -30.11 -16.70
CA LEU E 256 -16.37 -31.49 -16.45
C LEU E 256 -17.48 -31.93 -17.38
N PRO E 257 -17.43 -33.18 -17.90
CA PRO E 257 -18.45 -33.67 -18.82
C PRO E 257 -19.79 -33.94 -18.14
#